data_4PU4
#
_entry.id   4PU4
#
_cell.length_a   72.240
_cell.length_b   57.330
_cell.length_c   171.380
_cell.angle_alpha   90.00
_cell.angle_beta   95.81
_cell.angle_gamma   90.00
#
_symmetry.space_group_name_H-M   'P 1 21 1'
#
loop_
_entity.id
_entity.type
_entity.pdbx_description
1 polymer 'Toxin-antitoxin system toxin HipA family'
2 polymer 'Toxin-antitoxin system antidote transcriptional repressor Xre family'
3 polymer 'Operator DNA'
4 polymer 'Operator DNA'
#
loop_
_entity_poly.entity_id
_entity_poly.type
_entity_poly.pdbx_seq_one_letter_code
_entity_poly.pdbx_strand_id
1 'polypeptide(L)'
;MGSSHHHHHHSSGLVPRGSHMMSTAKTLTLEMHLGDLMIGELSFDATADTFAVHYTKDWQQSGFPLSPTIPLDGTGTSNQ
ISMFLVNLLPENKGLDYLIESLGVSKGNTFALIRAIGLDTAGAIAFVPKGALLPETQLRPIKAEEVIQRIEDPTMWPMEI
WDGKPRL(SEP)VAGVQPKLNLFYNGKEFAFAEGTLSSTHIVKFEKYHHLVINEFITMRLAKVLGMNVANVDIVHFGRYK
ALCVERFDRRNIPGEQRVLRRHIVDSCQALGFSVSKKYERNFGTGRDVKDIREGVSFNRLFSLAAKCRNPVAAKQDMLQW
ALFNLLTGNADAHGKNYSFFMTPSGMEPTPWYDLVSVDMYEDFEQQLAMAIDDEFDPNSIYAYQLAAFMDGLGLPRNLLI
SNLTRIARRIPQAIAEVILMLPPLDEDEASFVAHYKTQLLARCERYLGFVDEVRDVEV
;
A,B
2 'polypeptide(L)'
;MGSSHHHHHHSSGLVPRGSHMMNGTDIKAKVYEDTLLETIMASPLNQQSLGLLIKERRKSAALTQDVAAMLCGVTKKTLI
RVEKGEDVYISTVFKILDGLGIDIVSAQTSDTETNGWY
;
D,C
3 'polydeoxyribonucleotide'
;(DA)(DA)(DA)(DA)(DA)(DG)(DT)(DG)(DT)(DA)(DG)(DA)(DT)(DA)(DA)(DG)(DT)(DA)(DC)(DA)
(DC)(DC)(DT)(DA)(DA)(DT)
;
Q
4 'polydeoxyribonucleotide'
;(DA)(DT)(DT)(DA)(DG)(DG)(DT)(DG)(DT)(DA)(DC)(DT)(DT)(DA)(DT)(DC)(DT)(DA)(DC)(DA)
(DC)(DT)(DT)(DT)(DT)(DT)
;
P
#
loop_
_chem_comp.id
_chem_comp.type
_chem_comp.name
_chem_comp.formula
DA DNA linking 2'-DEOXYADENOSINE-5'-MONOPHOSPHATE 'C10 H14 N5 O6 P'
DC DNA linking 2'-DEOXYCYTIDINE-5'-MONOPHOSPHATE 'C9 H14 N3 O7 P'
DG DNA linking 2'-DEOXYGUANOSINE-5'-MONOPHOSPHATE 'C10 H14 N5 O7 P'
DT DNA linking THYMIDINE-5'-MONOPHOSPHATE 'C10 H15 N2 O8 P'
#
# COMPACT_ATOMS: atom_id res chain seq x y z
N LEU A 28 5.69 -4.09 -44.16
CA LEU A 28 6.09 -2.89 -43.43
C LEU A 28 5.70 -3.00 -41.94
N THR A 29 4.84 -3.97 -41.62
CA THR A 29 4.39 -4.18 -40.25
C THR A 29 4.56 -5.64 -39.83
N LEU A 30 5.41 -5.86 -38.83
CA LEU A 30 5.62 -7.17 -38.25
C LEU A 30 4.93 -7.25 -36.89
N GLU A 31 4.15 -8.30 -36.69
CA GLU A 31 3.47 -8.51 -35.41
C GLU A 31 4.45 -9.03 -34.38
N MET A 32 4.36 -8.50 -33.16
CA MET A 32 5.18 -8.94 -32.04
C MET A 32 4.43 -9.99 -31.21
N HIS A 33 4.97 -11.20 -31.17
CA HIS A 33 4.35 -12.32 -30.46
C HIS A 33 5.17 -12.75 -29.25
N LEU A 34 4.49 -12.90 -28.10
CA LEU A 34 5.08 -13.52 -26.92
C LEU A 34 4.51 -14.92 -26.73
N GLY A 35 5.33 -15.93 -27.00
CA GLY A 35 4.84 -17.29 -26.99
C GLY A 35 3.84 -17.48 -28.11
N ASP A 36 2.63 -17.90 -27.74
CA ASP A 36 1.51 -18.03 -28.67
C ASP A 36 0.64 -16.77 -28.71
N LEU A 37 0.99 -15.79 -27.88
CA LEU A 37 0.19 -14.58 -27.71
C LEU A 37 0.79 -13.38 -28.46
N MET A 38 -0.09 -12.52 -28.99
CA MET A 38 0.34 -11.32 -29.71
C MET A 38 0.30 -10.10 -28.80
N ILE A 39 1.47 -9.55 -28.47
CA ILE A 39 1.57 -8.43 -27.53
C ILE A 39 1.70 -7.04 -28.16
N GLY A 40 1.81 -6.94 -29.48
CA GLY A 40 1.99 -5.65 -30.11
C GLY A 40 2.40 -5.68 -31.58
N GLU A 41 2.80 -4.51 -32.08
CA GLU A 41 3.08 -4.33 -33.50
C GLU A 41 4.37 -3.55 -33.75
N LEU A 42 5.23 -4.11 -34.62
CA LEU A 42 6.42 -3.43 -35.09
C LEU A 42 6.23 -2.91 -36.51
N SER A 43 6.17 -1.59 -36.66
CA SER A 43 5.99 -0.96 -37.95
C SER A 43 7.30 -0.37 -38.47
N PHE A 44 7.58 -0.61 -39.76
CA PHE A 44 8.76 -0.07 -40.42
C PHE A 44 8.35 0.71 -41.66
N ASP A 45 8.61 2.01 -41.67
CA ASP A 45 8.30 2.85 -42.83
C ASP A 45 9.50 2.85 -43.76
N ALA A 46 9.31 2.30 -44.96
CA ALA A 46 10.40 2.12 -45.90
C ALA A 46 11.03 3.44 -46.36
N THR A 47 10.18 4.41 -46.66
CA THR A 47 10.64 5.67 -47.25
C THR A 47 11.59 6.43 -46.33
N ALA A 48 11.18 6.64 -45.08
CA ALA A 48 11.96 7.42 -44.13
C ALA A 48 13.00 6.56 -43.42
N ASP A 49 13.08 5.29 -43.81
CA ASP A 49 14.04 4.36 -43.21
C ASP A 49 13.91 4.38 -41.69
N THR A 50 12.66 4.29 -41.20
CA THR A 50 12.37 4.45 -39.77
C THR A 50 11.55 3.29 -39.17
N PHE A 51 11.76 3.05 -37.88
CA PHE A 51 11.04 2.02 -37.12
C PHE A 51 10.04 2.64 -36.15
N ALA A 52 8.93 1.94 -35.94
CA ALA A 52 7.94 2.36 -34.95
C ALA A 52 7.37 1.14 -34.21
N VAL A 53 7.35 1.22 -32.89
CA VAL A 53 6.79 0.14 -32.07
C VAL A 53 5.66 0.66 -31.16
N HIS A 54 4.46 0.18 -31.45
CA HIS A 54 3.27 0.50 -30.69
C HIS A 54 2.72 -0.80 -30.10
N TYR A 55 2.06 -0.71 -28.95
CA TYR A 55 1.58 -1.88 -28.22
C TYR A 55 0.06 -1.94 -28.13
N THR A 56 -0.45 -3.16 -27.93
CA THR A 56 -1.87 -3.37 -27.69
C THR A 56 -2.28 -2.78 -26.33
N LYS A 57 -3.57 -2.55 -26.15
CA LYS A 57 -4.08 -1.86 -24.97
C LYS A 57 -3.98 -2.72 -23.71
N ASP A 58 -4.28 -4.01 -23.86
CA ASP A 58 -4.19 -4.92 -22.72
C ASP A 58 -2.74 -5.02 -22.24
N TRP A 59 -1.80 -5.02 -23.17
CA TRP A 59 -0.38 -5.16 -22.84
C TRP A 59 0.26 -3.89 -22.33
N GLN A 60 -0.17 -2.75 -22.85
CA GLN A 60 0.39 -1.47 -22.49
C GLN A 60 0.12 -1.20 -21.01
N GLN A 61 -1.06 -1.62 -20.55
CA GLN A 61 -1.42 -1.53 -19.13
C GLN A 61 -0.80 -2.65 -18.27
N SER A 62 -0.93 -3.90 -18.71
CA SER A 62 -0.55 -5.06 -17.90
C SER A 62 0.86 -5.64 -18.13
N GLY A 63 1.55 -5.16 -19.17
CA GLY A 63 2.76 -5.81 -19.63
C GLY A 63 4.09 -5.12 -19.31
N PHE A 64 5.11 -5.48 -20.10
CA PHE A 64 6.45 -4.90 -20.01
C PHE A 64 7.00 -4.71 -21.41
N PRO A 65 7.84 -3.69 -21.62
CA PRO A 65 8.34 -3.36 -22.96
C PRO A 65 9.44 -4.31 -23.44
N LEU A 66 9.73 -4.28 -24.74
CA LEU A 66 10.86 -5.03 -25.30
C LEU A 66 12.12 -4.73 -24.51
N SER A 67 12.37 -3.44 -24.36
CA SER A 67 13.48 -2.94 -23.55
C SER A 67 13.01 -1.72 -22.77
N PRO A 68 13.79 -1.28 -21.78
CA PRO A 68 13.39 -0.07 -21.06
C PRO A 68 13.34 1.16 -21.96
N THR A 69 14.02 1.11 -23.11
CA THR A 69 14.11 2.26 -24.01
C THR A 69 13.05 2.22 -25.13
N ILE A 70 12.18 1.22 -25.08
CA ILE A 70 11.05 1.12 -26.00
C ILE A 70 9.75 0.98 -25.20
N PRO A 71 9.29 2.09 -24.59
CA PRO A 71 8.21 2.03 -23.62
C PRO A 71 6.89 1.55 -24.21
N LEU A 72 5.96 1.21 -23.32
CA LEU A 72 4.70 0.59 -23.72
C LEU A 72 3.73 1.52 -24.43
N ASP A 73 3.83 2.83 -24.17
CA ASP A 73 2.92 3.80 -24.78
C ASP A 73 3.21 3.97 -26.28
N GLY A 74 4.33 3.39 -26.72
CA GLY A 74 4.75 3.42 -28.11
C GLY A 74 5.61 4.63 -28.43
N THR A 75 6.18 5.22 -27.38
CA THR A 75 6.99 6.42 -27.51
C THR A 75 8.46 6.10 -27.72
N GLY A 76 8.80 4.82 -27.87
CA GLY A 76 10.16 4.43 -28.18
C GLY A 76 10.62 5.05 -29.48
N THR A 77 11.71 5.82 -29.43
CA THR A 77 12.21 6.49 -30.63
C THR A 77 12.63 5.48 -31.67
N SER A 78 12.50 5.86 -32.93
CA SER A 78 12.82 4.97 -34.03
C SER A 78 14.25 4.45 -33.98
N ASN A 79 15.18 5.33 -33.61
CA ASN A 79 16.58 4.96 -33.57
C ASN A 79 16.87 3.88 -32.53
N GLN A 80 16.34 4.08 -31.33
CA GLN A 80 16.55 3.14 -30.24
C GLN A 80 15.97 1.77 -30.59
N ILE A 81 14.84 1.78 -31.31
CA ILE A 81 14.21 0.54 -31.74
C ILE A 81 15.13 -0.20 -32.70
N SER A 82 15.69 0.53 -33.66
CA SER A 82 16.58 -0.06 -34.65
C SER A 82 17.77 -0.77 -33.98
N MET A 83 18.41 -0.08 -33.05
CA MET A 83 19.56 -0.63 -32.34
C MET A 83 19.18 -1.89 -31.55
N PHE A 84 17.98 -1.89 -30.97
CA PHE A 84 17.53 -3.04 -30.20
C PHE A 84 17.42 -4.28 -31.08
N LEU A 85 16.90 -4.11 -32.29
CA LEU A 85 16.81 -5.21 -33.23
C LEU A 85 18.19 -5.67 -33.71
N VAL A 86 19.05 -4.72 -34.07
CA VAL A 86 20.40 -5.03 -34.52
C VAL A 86 21.18 -5.80 -33.46
N ASN A 87 20.86 -5.54 -32.20
CA ASN A 87 21.53 -6.21 -31.08
C ASN A 87 21.17 -7.68 -30.95
N LEU A 88 20.15 -8.12 -31.71
CA LEU A 88 19.73 -9.52 -31.71
C LEU A 88 20.39 -10.34 -32.83
N LEU A 89 21.13 -9.69 -33.72
CA LEU A 89 21.74 -10.35 -34.87
C LEU A 89 23.16 -10.86 -34.57
N PRO A 90 23.65 -11.86 -35.33
CA PRO A 90 25.04 -12.35 -35.20
C PRO A 90 26.08 -11.37 -35.76
N GLU A 91 27.26 -11.33 -35.14
CA GLU A 91 28.35 -10.45 -35.56
C GLU A 91 29.39 -11.17 -36.43
N ASN A 92 29.16 -12.45 -36.69
CA ASN A 92 30.14 -13.30 -37.32
C ASN A 92 29.71 -13.73 -38.73
N LYS A 93 30.50 -14.63 -39.32
CA LYS A 93 30.24 -15.11 -40.69
C LYS A 93 28.82 -15.65 -40.86
N GLY A 94 28.19 -16.06 -39.77
CA GLY A 94 26.80 -16.49 -39.80
C GLY A 94 25.91 -15.38 -40.34
N LEU A 95 26.29 -14.14 -40.03
CA LEU A 95 25.63 -12.98 -40.59
C LEU A 95 25.77 -12.97 -42.11
N ASP A 96 27.01 -13.17 -42.58
CA ASP A 96 27.29 -13.15 -44.01
C ASP A 96 26.66 -14.35 -44.72
N TYR A 97 26.51 -15.46 -44.02
CA TYR A 97 25.83 -16.64 -44.56
C TYR A 97 24.33 -16.41 -44.63
N LEU A 98 23.81 -15.64 -43.68
CA LEU A 98 22.39 -15.34 -43.61
C LEU A 98 21.97 -14.38 -44.73
N ILE A 99 22.75 -13.32 -44.93
CA ILE A 99 22.46 -12.33 -45.96
C ILE A 99 22.59 -12.94 -47.36
N GLU A 100 23.49 -13.91 -47.50
CA GLU A 100 23.70 -14.58 -48.77
C GLU A 100 22.55 -15.54 -49.05
N SER A 101 22.05 -16.19 -48.00
CA SER A 101 20.91 -17.08 -48.13
C SER A 101 19.67 -16.31 -48.56
N LEU A 102 19.45 -15.16 -47.92
CA LEU A 102 18.34 -14.28 -48.25
C LEU A 102 18.66 -13.39 -49.45
N GLY A 103 19.95 -13.17 -49.69
CA GLY A 103 20.40 -12.38 -50.82
C GLY A 103 20.11 -10.89 -50.67
N VAL A 104 20.07 -10.41 -49.44
CA VAL A 104 19.76 -8.99 -49.18
C VAL A 104 21.00 -8.18 -48.86
N SER A 105 20.81 -6.87 -48.71
CA SER A 105 21.89 -5.97 -48.34
C SER A 105 22.12 -5.97 -46.83
N LYS A 106 23.34 -5.62 -46.42
CA LYS A 106 23.67 -5.49 -45.00
C LYS A 106 22.79 -4.44 -44.31
N GLY A 107 22.40 -3.41 -45.06
CA GLY A 107 21.72 -2.26 -44.49
C GLY A 107 20.23 -2.44 -44.23
N ASN A 108 19.67 -3.55 -44.70
CA ASN A 108 18.27 -3.87 -44.42
C ASN A 108 18.20 -4.75 -43.19
N THR A 109 17.73 -4.18 -42.08
CA THR A 109 17.53 -4.93 -40.84
C THR A 109 16.18 -5.65 -40.83
N PHE A 110 15.18 -4.99 -41.39
CA PHE A 110 13.80 -5.49 -41.38
C PHE A 110 13.71 -6.89 -41.98
N ALA A 111 14.38 -7.08 -43.11
CA ALA A 111 14.40 -8.38 -43.78
C ALA A 111 15.17 -9.40 -42.94
N LEU A 112 16.23 -8.95 -42.28
CA LEU A 112 17.07 -9.84 -41.48
C LEU A 112 16.32 -10.30 -40.22
N ILE A 113 15.60 -9.39 -39.60
CA ILE A 113 14.79 -9.71 -38.42
C ILE A 113 13.67 -10.66 -38.84
N ARG A 114 13.00 -10.32 -39.94
CA ARG A 114 11.88 -11.09 -40.45
C ARG A 114 12.28 -12.54 -40.72
N ALA A 115 13.55 -12.76 -41.06
CA ALA A 115 14.06 -14.11 -41.30
C ALA A 115 14.23 -14.87 -40.00
N ILE A 116 14.82 -14.21 -39.00
CA ILE A 116 15.07 -14.82 -37.69
C ILE A 116 13.92 -14.54 -36.72
N GLY A 117 12.86 -13.92 -37.22
CA GLY A 117 11.78 -13.42 -36.39
C GLY A 117 11.18 -14.41 -35.41
N LEU A 118 11.08 -15.69 -35.81
CA LEU A 118 10.43 -16.69 -34.97
C LEU A 118 11.27 -17.05 -33.75
N ASP A 119 12.60 -17.06 -33.92
CA ASP A 119 13.52 -17.39 -32.83
C ASP A 119 14.58 -16.31 -32.66
N THR A 120 14.54 -15.62 -31.52
CA THR A 120 15.53 -14.61 -31.19
C THR A 120 15.84 -14.71 -29.70
N ALA A 121 16.78 -13.89 -29.22
CA ALA A 121 17.06 -13.83 -27.80
C ALA A 121 15.84 -13.24 -27.10
N GLY A 122 15.32 -13.95 -26.11
CA GLY A 122 14.11 -13.55 -25.44
C GLY A 122 12.89 -14.32 -25.89
N ALA A 123 11.74 -13.93 -25.37
CA ALA A 123 10.50 -14.68 -25.57
C ALA A 123 9.66 -14.11 -26.71
N ILE A 124 10.14 -13.03 -27.30
CA ILE A 124 9.41 -12.35 -28.36
C ILE A 124 9.81 -12.87 -29.74
N ALA A 125 8.82 -13.35 -30.48
CA ALA A 125 8.98 -13.78 -31.86
C ALA A 125 8.29 -12.78 -32.79
N PHE A 126 9.01 -12.24 -33.77
CA PHE A 126 8.43 -11.26 -34.69
C PHE A 126 7.89 -11.94 -35.94
N VAL A 127 6.57 -11.93 -36.06
CA VAL A 127 5.86 -12.72 -37.08
C VAL A 127 5.14 -11.85 -38.11
N PRO A 128 5.47 -12.01 -39.40
CA PRO A 128 4.66 -11.35 -40.43
C PRO A 128 3.19 -11.75 -40.33
N LYS A 129 2.28 -10.82 -40.60
CA LYS A 129 0.85 -11.04 -40.38
C LYS A 129 0.31 -12.22 -41.19
N GLY A 130 -0.35 -13.16 -40.51
CA GLY A 130 -1.02 -14.26 -41.16
C GLY A 130 -0.07 -15.23 -41.85
N ALA A 131 1.11 -15.40 -41.27
CA ALA A 131 2.12 -16.33 -41.78
C ALA A 131 2.67 -17.21 -40.66
N LEU A 132 2.43 -18.51 -40.75
CA LEU A 132 2.98 -19.48 -39.80
C LEU A 132 3.16 -20.85 -40.47
N LEU A 133 4.21 -21.58 -40.08
CA LEU A 133 4.49 -22.88 -40.70
C LEU A 133 3.38 -23.92 -40.41
N PRO A 134 3.14 -24.28 -39.14
CA PRO A 134 3.93 -24.19 -37.89
C PRO A 134 5.18 -25.09 -37.87
N GLU A 135 5.16 -26.34 -38.33
CA GLU A 135 3.95 -27.13 -38.56
C GLU A 135 3.55 -28.18 -37.49
N THR A 136 4.30 -28.50 -36.42
CA THR A 136 5.62 -27.99 -36.01
C THR A 136 6.69 -29.07 -36.16
N GLN A 137 6.48 -30.16 -35.43
CA GLN A 137 7.33 -31.36 -35.39
C GLN A 137 8.83 -31.10 -35.11
N LEU A 138 9.70 -31.89 -35.72
CA LEU A 138 11.12 -31.92 -35.38
C LEU A 138 11.96 -32.53 -36.51
N ARG A 139 13.27 -32.28 -36.48
CA ARG A 139 14.21 -32.89 -37.41
C ARG A 139 15.46 -33.41 -36.69
N PRO A 140 15.45 -34.68 -36.27
CA PRO A 140 16.61 -35.29 -35.57
C PRO A 140 17.93 -35.24 -36.35
N ILE A 141 19.05 -35.37 -35.63
CA ILE A 141 20.39 -35.23 -36.20
C ILE A 141 21.27 -36.45 -35.92
N LYS A 142 22.13 -36.78 -36.88
CA LYS A 142 23.13 -37.83 -36.71
C LYS A 142 24.48 -37.18 -36.49
N ALA A 143 25.34 -37.83 -35.72
CA ALA A 143 26.63 -37.27 -35.37
C ALA A 143 27.50 -36.99 -36.59
N GLU A 144 27.29 -37.73 -37.67
CA GLU A 144 28.17 -37.62 -38.84
C GLU A 144 28.01 -36.30 -39.59
N GLU A 145 26.80 -35.74 -39.59
CA GLU A 145 26.56 -34.48 -40.30
C GLU A 145 27.10 -33.30 -39.49
N VAL A 146 27.29 -33.50 -38.18
CA VAL A 146 27.86 -32.48 -37.32
C VAL A 146 29.39 -32.47 -37.48
N ILE A 147 29.99 -33.65 -37.55
CA ILE A 147 31.45 -33.80 -37.67
C ILE A 147 31.96 -33.21 -38.98
N GLN A 148 31.20 -33.39 -40.06
CA GLN A 148 31.57 -32.83 -41.35
C GLN A 148 31.48 -31.30 -41.31
N ARG A 149 30.66 -30.79 -40.40
CA ARG A 149 30.56 -29.34 -40.21
C ARG A 149 31.62 -28.84 -39.22
N ILE A 150 32.21 -29.76 -38.47
CA ILE A 150 33.36 -29.45 -37.61
C ILE A 150 34.68 -29.51 -38.36
N GLU A 151 34.84 -30.54 -39.19
CA GLU A 151 36.17 -30.90 -39.72
C GLU A 151 36.55 -30.04 -40.92
N ASP A 152 35.55 -29.42 -41.55
CA ASP A 152 35.79 -28.65 -42.76
C ASP A 152 34.96 -27.37 -42.77
N PRO A 153 35.39 -26.37 -41.98
CA PRO A 153 34.68 -25.09 -41.91
C PRO A 153 34.59 -24.39 -43.26
N THR A 154 35.55 -24.65 -44.16
CA THR A 154 35.52 -24.04 -45.48
C THR A 154 34.45 -24.65 -46.38
N MET A 155 34.43 -25.98 -46.47
CA MET A 155 33.47 -26.66 -47.34
C MET A 155 32.11 -26.77 -46.64
N TRP A 156 32.15 -26.99 -45.32
CA TRP A 156 30.94 -27.07 -44.49
C TRP A 156 31.04 -26.13 -43.30
N PRO A 157 30.74 -24.84 -43.51
CA PRO A 157 30.76 -23.86 -42.41
C PRO A 157 29.82 -24.22 -41.27
N PRO A 165 43.39 -16.53 -40.30
CA PRO A 165 43.83 -15.29 -40.95
C PRO A 165 43.40 -14.06 -40.15
N ARG A 166 43.03 -14.26 -38.88
CA ARG A 166 42.39 -13.22 -38.10
C ARG A 166 43.38 -12.25 -37.48
N LEU A 167 44.67 -12.49 -37.68
CA LEU A 167 45.72 -11.65 -37.09
C LEU A 167 45.52 -11.62 -35.57
N SEP A 168 45.23 -10.44 -35.02
CA SEP A 168 45.11 -10.26 -33.58
CB SEP A 168 46.17 -9.27 -33.10
OG SEP A 168 47.00 -9.88 -32.14
C SEP A 168 43.71 -9.75 -33.17
O SEP A 168 43.32 -8.63 -33.55
P SEP A 168 46.82 -9.14 -30.73
O1P SEP A 168 47.74 -9.89 -29.65
O2P SEP A 168 45.27 -9.20 -30.29
O3P SEP A 168 47.28 -7.61 -30.89
H SEP A 168 45.10 -9.72 -35.48
HA SEP A 168 45.25 -11.12 -33.12
HB2 SEP A 168 45.73 -8.51 -32.69
HB3 SEP A 168 46.70 -8.99 -33.86
N VAL A 169 42.98 -10.54 -32.41
CA VAL A 169 41.60 -10.24 -32.04
C VAL A 169 41.20 -10.87 -30.69
N ALA A 170 39.95 -10.64 -30.28
CA ALA A 170 39.33 -11.45 -29.23
C ALA A 170 37.89 -11.83 -29.59
N GLY A 171 37.62 -13.13 -29.59
CA GLY A 171 36.30 -13.65 -29.95
C GLY A 171 36.12 -13.68 -31.46
N VAL A 172 35.19 -14.47 -32.01
CA VAL A 172 34.28 -15.35 -31.27
C VAL A 172 34.26 -16.78 -31.84
N GLN A 173 33.63 -17.69 -31.10
CA GLN A 173 33.67 -19.13 -31.35
C GLN A 173 32.62 -19.56 -32.39
N PRO A 174 32.81 -20.74 -33.03
CA PRO A 174 31.69 -21.29 -33.77
C PRO A 174 30.68 -21.97 -32.86
N LYS A 175 29.41 -21.88 -33.22
CA LYS A 175 28.36 -22.49 -32.44
C LYS A 175 27.08 -22.70 -33.24
N LEU A 176 26.18 -23.53 -32.71
CA LEU A 176 24.86 -23.72 -33.28
C LEU A 176 23.81 -23.80 -32.17
N ASN A 177 22.60 -23.37 -32.47
CA ASN A 177 21.48 -23.46 -31.52
C ASN A 177 20.59 -24.68 -31.81
N LEU A 178 20.31 -25.46 -30.76
CA LEU A 178 19.67 -26.76 -30.92
C LEU A 178 18.69 -27.15 -29.80
N PHE A 179 17.82 -28.11 -30.11
CA PHE A 179 16.84 -28.64 -29.15
C PHE A 179 17.42 -29.84 -28.40
N TYR A 180 17.19 -29.86 -27.09
CA TYR A 180 17.79 -30.87 -26.21
C TYR A 180 16.72 -31.53 -25.34
N ASN A 181 16.48 -32.83 -25.59
CA ASN A 181 15.54 -33.62 -24.80
C ASN A 181 16.21 -34.49 -23.73
N GLY A 182 17.54 -34.48 -23.69
CA GLY A 182 18.31 -35.28 -22.74
C GLY A 182 18.99 -36.50 -23.32
N LYS A 183 18.58 -36.91 -24.51
CA LYS A 183 19.18 -38.07 -25.18
C LYS A 183 19.72 -37.71 -26.56
N GLU A 184 18.81 -37.49 -27.50
CA GLU A 184 19.18 -37.21 -28.89
C GLU A 184 18.87 -35.77 -29.25
N PHE A 185 19.75 -35.17 -30.06
CA PHE A 185 19.60 -33.78 -30.47
C PHE A 185 18.85 -33.66 -31.80
N ALA A 186 18.05 -32.61 -31.90
CA ALA A 186 17.29 -32.31 -33.11
C ALA A 186 17.20 -30.79 -33.25
N PHE A 187 16.92 -30.31 -34.46
CA PHE A 187 16.64 -28.89 -34.66
C PHE A 187 15.13 -28.65 -34.54
N ALA A 188 14.74 -27.76 -33.65
CA ALA A 188 13.34 -27.40 -33.45
C ALA A 188 12.88 -26.37 -34.48
N GLU A 189 11.69 -26.58 -35.03
CA GLU A 189 11.16 -25.69 -36.06
C GLU A 189 9.87 -25.03 -35.60
N GLY A 190 9.65 -23.80 -36.05
CA GLY A 190 8.43 -23.08 -35.73
C GLY A 190 8.37 -22.62 -34.29
N THR A 191 7.21 -22.83 -33.67
CA THR A 191 6.99 -22.41 -32.29
C THR A 191 7.88 -23.20 -31.34
N LEU A 192 8.37 -24.35 -31.79
CA LEU A 192 9.37 -25.10 -31.03
C LEU A 192 10.73 -24.46 -31.31
N SER A 193 11.57 -24.36 -30.27
CA SER A 193 12.84 -23.63 -30.38
C SER A 193 13.98 -24.36 -29.69
N SER A 194 15.20 -23.92 -29.97
CA SER A 194 16.39 -24.49 -29.36
C SER A 194 16.44 -24.18 -27.88
N THR A 195 16.60 -25.23 -27.07
CA THR A 195 16.68 -25.09 -25.62
C THR A 195 18.12 -25.07 -25.11
N HIS A 196 19.06 -25.25 -26.03
CA HIS A 196 20.48 -25.29 -25.68
C HIS A 196 21.35 -24.69 -26.79
N ILE A 197 22.55 -24.24 -26.40
CA ILE A 197 23.53 -23.75 -27.35
C ILE A 197 24.75 -24.67 -27.35
N VAL A 198 24.97 -25.34 -28.49
CA VAL A 198 26.11 -26.24 -28.65
C VAL A 198 27.27 -25.52 -29.35
N LYS A 199 28.42 -25.48 -28.69
CA LYS A 199 29.57 -24.69 -29.16
C LYS A 199 30.73 -25.60 -29.56
N PHE A 200 31.34 -25.30 -30.70
CA PHE A 200 32.39 -26.12 -31.27
C PHE A 200 33.76 -25.48 -31.06
N GLU A 201 34.79 -26.30 -30.93
CA GLU A 201 36.13 -25.82 -30.65
C GLU A 201 37.03 -25.75 -31.89
N LYS A 202 37.24 -24.53 -32.40
CA LYS A 202 38.28 -24.30 -33.40
C LYS A 202 39.64 -24.05 -32.74
N TYR A 203 39.65 -23.20 -31.72
CA TYR A 203 40.87 -22.85 -30.98
C TYR A 203 41.16 -23.83 -29.85
N HIS A 204 42.43 -23.99 -29.52
CA HIS A 204 42.85 -25.02 -28.57
C HIS A 204 42.13 -24.92 -27.22
N HIS A 205 41.51 -26.03 -26.85
CA HIS A 205 40.97 -26.23 -25.50
C HIS A 205 39.99 -25.16 -25.03
N LEU A 206 39.22 -24.58 -25.95
CA LEU A 206 38.24 -23.58 -25.55
C LEU A 206 37.12 -24.24 -24.77
N VAL A 207 36.71 -25.43 -25.21
CA VAL A 207 35.63 -26.16 -24.54
C VAL A 207 35.99 -26.47 -23.09
N ILE A 208 37.22 -26.92 -22.86
CA ILE A 208 37.68 -27.26 -21.52
C ILE A 208 37.74 -25.98 -20.68
N ASN A 209 38.17 -24.89 -21.32
CA ASN A 209 38.30 -23.62 -20.63
C ASN A 209 36.96 -23.16 -20.06
N GLU A 210 35.96 -23.06 -20.92
CA GLU A 210 34.65 -22.52 -20.53
C GLU A 210 33.91 -23.43 -19.57
N PHE A 211 34.04 -24.74 -19.78
CA PHE A 211 33.41 -25.71 -18.89
C PHE A 211 33.93 -25.56 -17.47
N ILE A 212 35.25 -25.49 -17.34
CA ILE A 212 35.86 -25.31 -16.03
C ILE A 212 35.35 -24.02 -15.39
N THR A 213 35.43 -22.93 -16.15
CA THR A 213 35.09 -21.60 -15.63
C THR A 213 33.60 -21.48 -15.31
N MET A 214 32.73 -21.97 -16.18
CA MET A 214 31.30 -21.93 -15.93
C MET A 214 30.93 -22.79 -14.74
N ARG A 215 31.55 -23.96 -14.64
CA ARG A 215 31.31 -24.87 -13.51
C ARG A 215 31.91 -24.30 -12.23
N LEU A 216 33.10 -23.72 -12.33
CA LEU A 216 33.78 -23.14 -11.17
C LEU A 216 32.88 -22.10 -10.52
N ALA A 217 32.28 -21.25 -11.34
CA ALA A 217 31.36 -20.22 -10.85
C ALA A 217 30.18 -20.84 -10.09
N LYS A 218 29.58 -21.88 -10.68
CA LYS A 218 28.43 -22.54 -10.08
C LYS A 218 28.79 -23.20 -8.75
N VAL A 219 29.93 -23.87 -8.73
CA VAL A 219 30.42 -24.53 -7.52
C VAL A 219 30.63 -23.49 -6.42
N LEU A 220 31.07 -22.31 -6.81
CA LEU A 220 31.26 -21.22 -5.86
C LEU A 220 29.93 -20.64 -5.40
N GLY A 221 28.85 -21.09 -6.03
CA GLY A 221 27.50 -20.70 -5.63
C GLY A 221 26.96 -19.53 -6.42
N MET A 222 27.74 -19.04 -7.38
CA MET A 222 27.30 -17.94 -8.22
C MET A 222 26.12 -18.37 -9.05
N ASN A 223 25.34 -17.41 -9.55
CA ASN A 223 24.22 -17.73 -10.40
C ASN A 223 24.68 -17.77 -11.84
N VAL A 224 24.67 -18.98 -12.40
CA VAL A 224 25.25 -19.23 -13.71
C VAL A 224 24.49 -20.36 -14.41
N ALA A 225 24.34 -20.23 -15.73
CA ALA A 225 23.62 -21.21 -16.53
C ALA A 225 24.29 -22.58 -16.42
N ASN A 226 23.47 -23.63 -16.51
CA ASN A 226 23.96 -24.99 -16.44
C ASN A 226 24.61 -25.39 -17.76
N VAL A 227 25.83 -25.91 -17.68
CA VAL A 227 26.61 -26.27 -18.86
C VAL A 227 27.11 -27.72 -18.76
N ASP A 228 27.07 -28.41 -19.91
CA ASP A 228 27.53 -29.79 -20.01
C ASP A 228 28.43 -29.96 -21.23
N ILE A 229 29.30 -30.97 -21.18
CA ILE A 229 30.14 -31.33 -22.33
C ILE A 229 29.47 -32.41 -23.16
N VAL A 230 29.58 -32.29 -24.49
CA VAL A 230 29.07 -33.31 -25.40
C VAL A 230 30.16 -33.71 -26.41
N HIS A 231 30.11 -34.96 -26.86
CA HIS A 231 31.15 -35.54 -27.70
C HIS A 231 30.63 -35.82 -29.12
N PHE A 232 31.33 -35.31 -30.13
CA PHE A 232 31.06 -35.66 -31.52
C PHE A 232 32.30 -36.29 -32.15
N GLY A 233 32.23 -37.59 -32.45
CA GLY A 233 33.38 -38.31 -32.96
C GLY A 233 34.53 -38.21 -31.98
N ARG A 234 35.65 -37.70 -32.46
CA ARG A 234 36.79 -37.40 -31.59
C ARG A 234 36.71 -35.96 -31.06
N TYR A 235 35.79 -35.18 -31.61
CA TYR A 235 35.70 -33.76 -31.27
C TYR A 235 34.70 -33.47 -30.15
N LYS A 236 35.09 -32.60 -29.23
CA LYS A 236 34.28 -32.25 -28.07
C LYS A 236 33.64 -30.88 -28.21
N ALA A 237 32.43 -30.75 -27.64
CA ALA A 237 31.67 -29.52 -27.70
C ALA A 237 31.06 -29.19 -26.33
N LEU A 238 30.74 -27.92 -26.12
CA LEU A 238 30.14 -27.45 -24.87
C LEU A 238 28.65 -27.15 -25.06
N CYS A 239 27.81 -27.90 -24.35
CA CYS A 239 26.37 -27.73 -24.42
C CYS A 239 25.86 -26.86 -23.27
N VAL A 240 25.40 -25.65 -23.60
CA VAL A 240 24.95 -24.68 -22.62
C VAL A 240 23.42 -24.60 -22.58
N GLU A 241 22.85 -24.62 -21.38
CA GLU A 241 21.41 -24.56 -21.24
C GLU A 241 20.87 -23.14 -21.30
N ARG A 242 19.89 -22.93 -22.16
CA ARG A 242 19.26 -21.62 -22.28
C ARG A 242 18.26 -21.38 -21.15
N PHE A 243 18.42 -20.27 -20.44
CA PHE A 243 17.52 -19.91 -19.35
C PHE A 243 16.39 -18.97 -19.78
N ASP A 244 16.45 -18.51 -21.04
CA ASP A 244 15.37 -17.73 -21.63
C ASP A 244 14.42 -18.67 -22.38
N ARG A 245 14.68 -19.96 -22.26
CA ARG A 245 13.84 -20.99 -22.85
C ARG A 245 13.67 -22.14 -21.86
N ARG A 246 12.45 -22.66 -21.78
CA ARG A 246 12.17 -23.79 -20.90
C ARG A 246 11.38 -24.85 -21.65
N ASN A 247 11.95 -26.04 -21.72
CA ASN A 247 11.29 -27.18 -22.35
C ASN A 247 10.27 -27.78 -21.42
N ILE A 248 9.02 -27.79 -21.85
CA ILE A 248 7.98 -28.49 -21.13
C ILE A 248 7.98 -29.95 -21.58
N PRO A 249 8.26 -30.89 -20.65
CA PRO A 249 8.22 -32.29 -21.06
C PRO A 249 6.79 -32.80 -21.26
N GLY A 250 6.62 -33.81 -22.11
CA GLY A 250 5.35 -34.51 -22.23
C GLY A 250 4.55 -34.16 -23.47
N GLU A 251 4.84 -33.02 -24.08
CA GLU A 251 4.17 -32.62 -25.31
C GLU A 251 5.04 -31.66 -26.08
N GLN A 252 4.50 -31.09 -27.16
CA GLN A 252 5.27 -30.18 -27.98
C GLN A 252 4.90 -28.75 -27.65
N ARG A 253 5.76 -28.11 -26.87
CA ARG A 253 5.71 -26.68 -26.65
C ARG A 253 7.04 -26.24 -26.04
N VAL A 254 7.36 -24.95 -26.13
CA VAL A 254 8.48 -24.39 -25.36
C VAL A 254 8.10 -23.02 -24.82
N LEU A 255 8.15 -22.86 -23.49
CA LEU A 255 7.83 -21.58 -22.88
C LEU A 255 9.08 -20.72 -22.80
N ARG A 256 8.94 -19.48 -23.24
CA ARG A 256 10.07 -18.55 -23.30
C ARG A 256 9.92 -17.48 -22.23
N ARG A 257 11.06 -17.01 -21.72
CA ARG A 257 11.10 -15.86 -20.83
C ARG A 257 12.01 -14.79 -21.44
N HIS A 258 11.49 -13.57 -21.60
CA HIS A 258 12.18 -12.52 -22.33
C HIS A 258 13.48 -12.07 -21.67
N ILE A 259 14.45 -11.71 -22.50
CA ILE A 259 15.75 -11.27 -22.03
C ILE A 259 16.29 -10.13 -22.90
N VAL A 260 17.10 -9.26 -22.29
CA VAL A 260 17.78 -8.20 -23.02
C VAL A 260 19.23 -8.12 -22.55
N ASP A 261 20.11 -7.72 -23.47
CA ASP A 261 21.52 -7.53 -23.13
C ASP A 261 21.67 -6.24 -22.36
N SER A 262 22.89 -5.94 -21.90
CA SER A 262 23.10 -4.70 -21.18
C SER A 262 23.10 -3.56 -22.20
N CYS A 263 23.42 -3.89 -23.45
CA CYS A 263 23.36 -2.92 -24.51
C CYS A 263 21.92 -2.50 -24.75
N GLN A 264 21.06 -3.48 -24.98
CA GLN A 264 19.65 -3.23 -25.23
C GLN A 264 18.99 -2.48 -24.08
N ALA A 265 19.50 -2.69 -22.87
CA ALA A 265 18.99 -2.07 -21.65
C ALA A 265 19.47 -0.63 -21.49
N LEU A 266 20.74 -0.40 -21.77
CA LEU A 266 21.31 0.95 -21.70
C LEU A 266 20.96 1.78 -22.91
N GLY A 267 20.33 1.15 -23.90
CA GLY A 267 19.99 1.83 -25.14
C GLY A 267 21.24 2.15 -25.93
N PHE A 268 22.19 1.21 -25.93
CA PHE A 268 23.46 1.38 -26.61
C PHE A 268 23.51 0.54 -27.89
N SER A 269 24.23 1.04 -28.88
CA SER A 269 24.43 0.31 -30.13
C SER A 269 25.24 -0.96 -29.92
N VAL A 270 25.07 -1.91 -30.83
CA VAL A 270 25.85 -3.14 -30.79
C VAL A 270 27.34 -2.80 -30.83
N SER A 271 27.67 -1.68 -31.46
CA SER A 271 29.07 -1.25 -31.60
C SER A 271 29.67 -0.81 -30.26
N LYS A 272 28.81 -0.51 -29.30
CA LYS A 272 29.22 0.04 -28.01
C LYS A 272 29.43 -1.04 -26.95
N LYS A 273 29.28 -2.30 -27.35
CA LYS A 273 29.40 -3.43 -26.43
C LYS A 273 30.70 -3.39 -25.61
N TYR A 274 31.78 -2.91 -26.22
CA TYR A 274 33.04 -2.70 -25.49
C TYR A 274 33.06 -1.27 -24.98
N GLU A 275 33.67 -1.05 -23.81
CA GLU A 275 33.71 0.30 -23.23
C GLU A 275 34.37 1.29 -24.20
N ARG A 276 35.43 0.86 -24.88
CA ARG A 276 36.01 1.64 -25.97
C ARG A 276 35.31 1.19 -27.25
N ASN A 277 34.47 2.07 -27.79
CA ASN A 277 33.48 1.66 -28.78
C ASN A 277 34.02 1.62 -30.21
N PHE A 278 35.29 1.96 -30.37
CA PHE A 278 35.93 1.99 -31.68
C PHE A 278 37.08 0.98 -31.72
N GLY A 279 38.11 1.21 -30.91
CA GLY A 279 39.23 0.28 -30.86
C GLY A 279 40.29 0.60 -29.81
N THR A 280 41.37 -0.19 -29.85
CA THR A 280 42.48 -0.06 -28.90
C THR A 280 43.50 0.98 -29.36
N GLY A 281 43.27 1.55 -30.54
CA GLY A 281 44.18 2.52 -31.14
C GLY A 281 44.50 3.67 -30.20
N ARG A 282 45.75 4.14 -30.23
CA ARG A 282 46.21 5.16 -29.30
C ARG A 282 45.52 6.50 -29.55
N ASP A 283 45.08 6.73 -30.78
CA ASP A 283 44.30 7.90 -31.09
C ASP A 283 42.90 7.71 -30.49
N VAL A 284 42.46 6.44 -30.46
CA VAL A 284 41.14 6.07 -29.93
C VAL A 284 41.21 5.54 -28.48
N LYS A 285 42.41 5.48 -27.93
CA LYS A 285 42.62 4.95 -26.57
C LYS A 285 41.77 5.69 -25.55
N ASP A 286 41.57 6.99 -25.76
CA ASP A 286 40.91 7.82 -24.77
C ASP A 286 39.40 7.93 -25.01
N ILE A 287 38.90 7.29 -26.07
CA ILE A 287 37.47 7.33 -26.33
C ILE A 287 36.78 6.13 -25.72
N ARG A 288 36.06 6.37 -24.63
CA ARG A 288 35.14 5.38 -24.09
C ARG A 288 33.72 5.95 -24.10
N GLU A 289 32.95 5.57 -25.12
CA GLU A 289 31.53 5.87 -25.15
C GLU A 289 30.71 4.63 -24.81
N GLY A 290 31.40 3.51 -24.63
CA GLY A 290 30.73 2.22 -24.52
C GLY A 290 30.24 1.89 -23.12
N VAL A 291 29.94 0.62 -22.90
CA VAL A 291 29.46 0.13 -21.61
C VAL A 291 30.60 0.02 -20.61
N SER A 292 30.49 0.75 -19.50
CA SER A 292 31.47 0.69 -18.43
C SER A 292 30.85 0.02 -17.21
N PHE A 293 31.64 -0.16 -16.17
CA PHE A 293 31.12 -0.77 -14.96
C PHE A 293 30.18 0.19 -14.25
N ASN A 294 30.56 1.46 -14.22
CA ASN A 294 29.73 2.49 -13.63
C ASN A 294 28.41 2.61 -14.37
N ARG A 295 28.46 2.42 -15.69
CA ARG A 295 27.26 2.45 -16.51
C ARG A 295 26.42 1.19 -16.30
N LEU A 296 27.10 0.07 -16.04
CA LEU A 296 26.42 -1.19 -15.79
C LEU A 296 25.68 -1.13 -14.47
N PHE A 297 26.35 -0.63 -13.44
CA PHE A 297 25.77 -0.55 -12.11
C PHE A 297 24.61 0.43 -12.04
N SER A 298 24.59 1.39 -12.94
CA SER A 298 23.50 2.36 -12.99
C SER A 298 22.15 1.69 -13.26
N LEU A 299 22.19 0.48 -13.80
CA LEU A 299 20.98 -0.26 -14.12
C LEU A 299 20.35 -0.94 -12.91
N ALA A 300 21.08 -0.95 -11.79
CA ALA A 300 20.59 -1.59 -10.57
C ALA A 300 19.29 -0.92 -10.09
N ALA A 301 19.20 0.39 -10.25
CA ALA A 301 18.01 1.12 -9.84
C ALA A 301 16.80 0.60 -10.60
N LYS A 302 17.04 0.19 -11.85
CA LYS A 302 15.97 -0.33 -12.71
C LYS A 302 15.63 -1.78 -12.38
N CYS A 303 16.54 -2.45 -11.68
CA CYS A 303 16.30 -3.84 -11.31
C CYS A 303 15.20 -3.93 -10.26
N ARG A 304 14.61 -5.12 -10.13
CA ARG A 304 13.60 -5.35 -9.10
C ARG A 304 14.21 -5.15 -7.71
N ASN A 305 15.41 -5.70 -7.52
CA ASN A 305 16.13 -5.60 -6.26
C ASN A 305 17.52 -5.02 -6.50
N PRO A 306 17.65 -3.68 -6.43
CA PRO A 306 18.91 -2.99 -6.72
C PRO A 306 20.12 -3.52 -5.95
N VAL A 307 19.94 -3.83 -4.67
CA VAL A 307 21.04 -4.33 -3.86
C VAL A 307 21.46 -5.73 -4.32
N ALA A 308 20.48 -6.59 -4.58
CA ALA A 308 20.75 -7.94 -5.05
C ALA A 308 21.44 -7.91 -6.41
N ALA A 309 21.05 -6.95 -7.24
CA ALA A 309 21.64 -6.77 -8.57
C ALA A 309 23.10 -6.31 -8.47
N LYS A 310 23.33 -5.25 -7.70
CA LYS A 310 24.67 -4.68 -7.57
C LYS A 310 25.68 -5.70 -7.08
N GLN A 311 25.22 -6.64 -6.26
CA GLN A 311 26.09 -7.69 -5.76
C GLN A 311 26.44 -8.72 -6.83
N ASP A 312 25.46 -9.08 -7.66
CA ASP A 312 25.69 -9.99 -8.77
C ASP A 312 26.66 -9.37 -9.77
N MET A 313 26.51 -8.07 -9.99
CA MET A 313 27.39 -7.34 -10.89
C MET A 313 28.82 -7.29 -10.38
N LEU A 314 28.99 -6.94 -9.12
CA LEU A 314 30.34 -6.78 -8.59
C LEU A 314 31.04 -8.13 -8.54
N GLN A 315 30.28 -9.17 -8.19
CA GLN A 315 30.83 -10.53 -8.20
C GLN A 315 31.22 -10.95 -9.62
N TRP A 316 30.43 -10.51 -10.60
CA TRP A 316 30.72 -10.77 -12.01
C TRP A 316 32.04 -10.13 -12.41
N ALA A 317 32.25 -8.90 -11.96
CA ALA A 317 33.50 -8.21 -12.19
C ALA A 317 34.63 -8.96 -11.49
N LEU A 318 34.46 -9.18 -10.18
CA LEU A 318 35.48 -9.80 -9.36
C LEU A 318 35.80 -11.23 -9.81
N PHE A 319 34.77 -11.95 -10.25
CA PHE A 319 34.96 -13.30 -10.78
C PHE A 319 35.78 -13.25 -12.07
N ASN A 320 35.42 -12.33 -12.96
CA ASN A 320 36.11 -12.20 -14.23
C ASN A 320 37.56 -11.74 -14.07
N LEU A 321 37.86 -10.99 -13.00
CA LEU A 321 39.23 -10.58 -12.72
C LEU A 321 40.04 -11.77 -12.22
N LEU A 322 39.47 -12.52 -11.30
CA LEU A 322 40.17 -13.63 -10.68
C LEU A 322 40.34 -14.79 -11.66
N THR A 323 39.39 -14.97 -12.57
CA THR A 323 39.45 -16.08 -13.51
C THR A 323 40.24 -15.73 -14.75
N GLY A 324 40.55 -14.45 -14.91
CA GLY A 324 41.29 -13.98 -16.08
C GLY A 324 40.43 -13.88 -17.33
N ASN A 325 39.22 -13.34 -17.16
CA ASN A 325 38.33 -13.08 -18.29
C ASN A 325 38.35 -11.60 -18.64
N ALA A 326 39.02 -11.28 -19.76
CA ALA A 326 39.11 -9.91 -20.22
C ALA A 326 38.12 -9.60 -21.34
N ASP A 327 37.39 -10.62 -21.80
CA ASP A 327 36.48 -10.45 -22.92
C ASP A 327 35.06 -10.16 -22.45
N ALA A 328 34.86 -10.00 -21.15
CA ALA A 328 33.52 -9.82 -20.62
C ALA A 328 33.01 -8.42 -20.98
N HIS A 329 31.92 -8.37 -21.74
CA HIS A 329 31.45 -7.12 -22.35
C HIS A 329 29.93 -6.98 -22.23
N GLY A 330 29.40 -5.93 -22.86
CA GLY A 330 28.00 -5.55 -22.71
C GLY A 330 26.96 -6.59 -23.11
N LYS A 331 27.22 -7.34 -24.18
CA LYS A 331 26.29 -8.35 -24.65
C LYS A 331 26.45 -9.70 -23.94
N ASN A 332 27.42 -9.77 -23.02
CA ASN A 332 27.64 -10.98 -22.21
C ASN A 332 26.95 -10.90 -20.83
N TYR A 333 26.30 -9.78 -20.57
CA TYR A 333 25.54 -9.59 -19.34
C TYR A 333 24.13 -9.11 -19.68
N SER A 334 23.14 -9.85 -19.19
CA SER A 334 21.76 -9.64 -19.59
C SER A 334 20.84 -9.53 -18.39
N PHE A 335 19.61 -9.10 -18.66
CA PHE A 335 18.58 -8.97 -17.64
C PHE A 335 17.28 -9.58 -18.12
N PHE A 336 16.55 -10.24 -17.23
CA PHE A 336 15.19 -10.67 -17.55
C PHE A 336 14.30 -9.44 -17.58
N MET A 337 13.33 -9.44 -18.50
CA MET A 337 12.36 -8.36 -18.59
C MET A 337 11.03 -8.80 -17.99
N THR A 338 10.60 -8.07 -16.96
CA THR A 338 9.33 -8.33 -16.31
C THR A 338 8.64 -6.99 -16.01
N PRO A 339 7.33 -7.02 -15.79
CA PRO A 339 6.58 -5.78 -15.52
C PRO A 339 7.02 -5.08 -14.23
N SER A 340 7.51 -5.83 -13.25
CA SER A 340 7.93 -5.23 -11.98
C SER A 340 9.31 -4.59 -12.08
N GLY A 341 10.08 -5.02 -13.07
CA GLY A 341 11.40 -4.47 -13.30
C GLY A 341 12.33 -5.50 -13.89
N MET A 342 13.58 -5.11 -14.09
CA MET A 342 14.62 -6.02 -14.55
C MET A 342 15.22 -6.83 -13.41
N GLU A 343 15.75 -8.00 -13.72
CA GLU A 343 16.57 -8.75 -12.77
C GLU A 343 17.76 -9.36 -13.51
N PRO A 344 18.96 -9.38 -12.87
CA PRO A 344 20.11 -9.99 -13.53
C PRO A 344 19.90 -11.47 -13.82
N THR A 345 20.36 -11.90 -14.98
CA THR A 345 20.29 -13.29 -15.37
C THR A 345 21.43 -14.07 -14.73
N PRO A 346 21.35 -15.41 -14.75
CA PRO A 346 22.52 -16.20 -14.41
C PRO A 346 23.64 -15.92 -15.41
N TRP A 347 24.89 -15.98 -14.96
CA TRP A 347 26.02 -15.68 -15.83
C TRP A 347 26.10 -16.70 -16.96
N TYR A 348 26.74 -16.30 -18.05
CA TYR A 348 26.93 -17.18 -19.19
C TYR A 348 28.16 -16.75 -19.95
N ASP A 349 28.74 -17.68 -20.71
CA ASP A 349 29.93 -17.41 -21.50
C ASP A 349 31.05 -16.87 -20.63
N LEU A 350 31.38 -17.61 -19.58
CA LEU A 350 32.52 -17.30 -18.73
C LEU A 350 33.73 -18.10 -19.19
N VAL A 351 34.74 -17.40 -19.69
CA VAL A 351 35.95 -18.04 -20.20
C VAL A 351 37.19 -17.24 -19.75
N SER A 352 38.28 -17.94 -19.47
CA SER A 352 39.54 -17.30 -19.10
C SER A 352 40.39 -17.09 -20.36
N VAL A 353 40.54 -15.83 -20.76
CA VAL A 353 41.29 -15.50 -21.97
C VAL A 353 42.78 -15.30 -21.65
N ASP A 354 43.10 -15.18 -20.36
CA ASP A 354 44.49 -15.06 -19.94
C ASP A 354 45.24 -16.34 -20.27
N MET A 355 44.49 -17.42 -20.47
CA MET A 355 45.07 -18.69 -20.90
C MET A 355 45.72 -18.52 -22.27
N TYR A 356 45.08 -17.72 -23.11
CA TYR A 356 45.52 -17.51 -24.48
C TYR A 356 46.25 -16.19 -24.65
N GLU A 357 47.56 -16.28 -24.86
CA GLU A 357 48.40 -15.10 -24.99
C GLU A 357 48.59 -14.73 -26.46
N ASP A 358 47.96 -15.47 -27.36
CA ASP A 358 48.02 -15.15 -28.77
C ASP A 358 47.05 -14.02 -29.06
N PHE A 359 46.33 -13.57 -28.03
CA PHE A 359 45.45 -12.40 -28.14
C PHE A 359 45.93 -11.31 -27.19
N GLU A 360 45.83 -10.05 -27.62
CA GLU A 360 46.12 -8.92 -26.74
C GLU A 360 44.88 -8.70 -25.90
N GLN A 361 45.08 -8.72 -24.59
CA GLN A 361 43.99 -8.66 -23.63
C GLN A 361 43.96 -7.39 -22.81
N GLN A 362 42.90 -6.64 -23.01
CA GLN A 362 42.57 -5.51 -22.16
C GLN A 362 41.14 -5.75 -21.68
N LEU A 363 40.86 -5.39 -20.44
CA LEU A 363 39.53 -5.56 -19.87
C LEU A 363 38.52 -4.74 -20.68
N ALA A 364 37.45 -5.38 -21.12
CA ALA A 364 36.44 -4.69 -21.92
C ALA A 364 35.70 -3.65 -21.08
N MET A 365 35.79 -3.76 -19.77
CA MET A 365 35.26 -2.75 -18.84
C MET A 365 36.34 -2.35 -17.83
N ALA A 366 36.71 -1.07 -17.86
CA ALA A 366 37.88 -0.61 -17.10
C ALA A 366 37.63 -0.53 -15.61
N ILE A 367 38.72 -0.60 -14.86
CA ILE A 367 38.71 -0.38 -13.42
C ILE A 367 39.51 0.90 -13.13
N ASP A 368 38.78 1.96 -12.76
CA ASP A 368 39.38 3.28 -12.55
C ASP A 368 40.24 3.70 -13.73
N ASP A 369 39.65 3.66 -14.91
CA ASP A 369 40.32 4.15 -16.12
C ASP A 369 41.60 3.35 -16.43
N GLU A 370 41.68 2.11 -15.95
CA GLU A 370 42.82 1.23 -16.27
C GLU A 370 42.30 -0.05 -16.92
N PHE A 371 42.65 -0.25 -18.18
CA PHE A 371 42.15 -1.38 -18.96
C PHE A 371 43.06 -2.61 -18.91
N ASP A 372 44.26 -2.47 -18.34
CA ASP A 372 45.24 -3.56 -18.33
C ASP A 372 45.06 -4.48 -17.12
N PRO A 373 44.76 -5.79 -17.34
CA PRO A 373 44.53 -6.71 -16.22
C PRO A 373 45.71 -6.85 -15.24
N ASN A 374 46.91 -6.66 -15.75
CA ASN A 374 48.13 -6.83 -14.96
C ASN A 374 48.51 -5.58 -14.17
N SER A 375 47.89 -4.46 -14.53
CA SER A 375 48.16 -3.17 -13.89
C SER A 375 47.18 -2.90 -12.75
N ILE A 376 46.32 -3.87 -12.43
CA ILE A 376 45.34 -3.69 -11.36
C ILE A 376 45.94 -3.92 -9.98
N TYR A 377 45.89 -2.88 -9.13
CA TYR A 377 46.40 -2.96 -7.77
C TYR A 377 45.40 -2.34 -6.79
N ALA A 378 45.81 -2.22 -5.54
CA ALA A 378 44.95 -1.70 -4.49
C ALA A 378 44.32 -0.36 -4.86
N TYR A 379 45.08 0.48 -5.55
CA TYR A 379 44.60 1.81 -5.89
C TYR A 379 43.45 1.74 -6.91
N GLN A 380 43.64 0.97 -7.97
CA GLN A 380 42.64 0.83 -9.02
C GLN A 380 41.30 0.35 -8.47
N LEU A 381 41.36 -0.62 -7.56
CA LEU A 381 40.16 -1.17 -6.95
C LEU A 381 39.49 -0.13 -6.04
N ALA A 382 40.30 0.60 -5.29
CA ALA A 382 39.79 1.59 -4.35
C ALA A 382 39.05 2.70 -5.08
N ALA A 383 39.70 3.27 -6.09
CA ALA A 383 39.10 4.35 -6.86
C ALA A 383 37.93 3.83 -7.70
N PHE A 384 37.95 2.53 -7.99
CA PHE A 384 36.86 1.88 -8.71
C PHE A 384 35.58 1.86 -7.88
N MET A 385 35.66 1.30 -6.67
CA MET A 385 34.52 1.28 -5.76
C MET A 385 34.10 2.70 -5.42
N ASP A 386 35.08 3.58 -5.21
CA ASP A 386 34.79 4.99 -4.98
C ASP A 386 34.05 5.58 -6.16
N GLY A 387 34.42 5.14 -7.36
CA GLY A 387 33.77 5.58 -8.58
C GLY A 387 32.35 5.09 -8.65
N LEU A 388 32.12 3.89 -8.13
CA LEU A 388 30.78 3.31 -8.06
C LEU A 388 30.00 3.87 -6.87
N GLY A 389 30.68 4.65 -6.04
CA GLY A 389 30.06 5.23 -4.86
C GLY A 389 29.64 4.15 -3.88
N LEU A 390 30.44 3.08 -3.83
CA LEU A 390 30.16 1.93 -2.97
C LEU A 390 31.30 1.74 -1.96
N PRO A 391 30.98 1.23 -0.76
CA PRO A 391 32.02 1.07 0.26
C PRO A 391 33.10 0.06 -0.15
N ARG A 392 34.36 0.37 0.13
CA ARG A 392 35.47 -0.49 -0.25
C ARG A 392 35.45 -1.82 0.51
N ASN A 393 35.02 -1.79 1.76
CA ASN A 393 34.96 -2.99 2.59
C ASN A 393 34.10 -4.07 1.96
N LEU A 394 33.23 -3.67 1.02
CA LEU A 394 32.36 -4.62 0.35
C LEU A 394 33.13 -5.39 -0.71
N LEU A 395 34.05 -4.71 -1.38
CA LEU A 395 34.88 -5.33 -2.41
C LEU A 395 35.80 -6.39 -1.81
N ILE A 396 36.49 -6.02 -0.74
CA ILE A 396 37.47 -6.91 -0.10
C ILE A 396 36.80 -8.18 0.41
N SER A 397 35.58 -8.05 0.92
CA SER A 397 34.84 -9.20 1.43
C SER A 397 34.63 -10.22 0.31
N ASN A 398 34.06 -9.77 -0.80
CA ASN A 398 33.84 -10.65 -1.94
C ASN A 398 35.13 -11.11 -2.56
N LEU A 399 36.09 -10.20 -2.69
CA LEU A 399 37.37 -10.53 -3.31
C LEU A 399 38.13 -11.56 -2.48
N THR A 400 38.20 -11.32 -1.17
CA THR A 400 38.93 -12.21 -0.27
C THR A 400 38.29 -13.59 -0.21
N ARG A 401 36.97 -13.62 -0.08
CA ARG A 401 36.23 -14.87 0.06
C ARG A 401 36.40 -15.77 -1.16
N ILE A 402 36.28 -15.18 -2.34
CA ILE A 402 36.33 -15.96 -3.59
C ILE A 402 37.73 -16.52 -3.84
N ALA A 403 38.75 -15.70 -3.62
CA ALA A 403 40.12 -16.13 -3.90
C ALA A 403 40.56 -17.28 -3.00
N ARG A 404 40.06 -17.32 -1.77
CA ARG A 404 40.40 -18.40 -0.83
C ARG A 404 39.61 -19.69 -1.10
N ARG A 405 38.35 -19.52 -1.55
CA ARG A 405 37.47 -20.66 -1.80
C ARG A 405 37.76 -21.31 -3.16
N ILE A 406 38.53 -20.62 -4.00
CA ILE A 406 38.84 -21.12 -5.33
C ILE A 406 39.73 -22.36 -5.29
N PRO A 407 40.89 -22.29 -4.60
CA PRO A 407 41.82 -23.42 -4.55
C PRO A 407 41.16 -24.76 -4.26
N GLN A 408 40.24 -24.78 -3.30
CA GLN A 408 39.51 -25.99 -2.97
C GLN A 408 38.43 -26.26 -4.01
N ALA A 409 37.96 -25.20 -4.66
CA ALA A 409 36.87 -25.30 -5.64
C ALA A 409 37.36 -25.82 -6.99
N ILE A 410 38.60 -25.51 -7.35
CA ILE A 410 39.15 -25.96 -8.62
C ILE A 410 39.27 -27.48 -8.62
N ALA A 411 39.70 -28.02 -7.50
CA ALA A 411 39.85 -29.47 -7.38
C ALA A 411 38.53 -30.16 -7.70
N GLU A 412 37.43 -29.61 -7.18
CA GLU A 412 36.11 -30.21 -7.35
C GLU A 412 35.68 -30.28 -8.81
N VAL A 413 35.88 -29.18 -9.53
CA VAL A 413 35.44 -29.07 -10.91
C VAL A 413 36.22 -30.04 -11.80
N ILE A 414 37.51 -30.19 -11.53
CA ILE A 414 38.39 -31.05 -12.33
C ILE A 414 37.89 -32.49 -12.42
N LEU A 415 37.22 -32.96 -11.38
CA LEU A 415 36.76 -34.33 -11.32
C LEU A 415 35.49 -34.53 -12.14
N MET A 416 34.78 -33.44 -12.45
CA MET A 416 33.54 -33.50 -13.21
C MET A 416 33.82 -33.63 -14.70
N LEU A 417 35.11 -33.64 -15.06
CA LEU A 417 35.51 -33.81 -16.44
C LEU A 417 35.54 -35.28 -16.83
N PRO A 418 35.29 -35.58 -18.12
CA PRO A 418 35.48 -36.92 -18.67
C PRO A 418 36.96 -37.22 -18.90
N PRO A 419 37.28 -38.41 -19.44
CA PRO A 419 38.67 -38.74 -19.76
C PRO A 419 39.37 -37.66 -20.60
N LEU A 420 40.60 -37.33 -20.22
CA LEU A 420 41.39 -36.28 -20.88
C LEU A 420 42.67 -36.86 -21.46
N ASP A 421 43.13 -36.29 -22.57
CA ASP A 421 44.42 -36.69 -23.13
C ASP A 421 45.54 -35.93 -22.42
N GLU A 422 46.78 -36.16 -22.84
CA GLU A 422 47.94 -35.61 -22.14
C GLU A 422 48.04 -34.09 -22.22
N ASP A 423 47.82 -33.54 -23.41
CA ASP A 423 47.91 -32.10 -23.62
C ASP A 423 46.84 -31.35 -22.83
N GLU A 424 45.64 -31.93 -22.75
CA GLU A 424 44.54 -31.30 -22.04
C GLU A 424 44.75 -31.30 -20.53
N ALA A 425 45.31 -32.38 -20.01
CA ALA A 425 45.64 -32.44 -18.59
C ALA A 425 46.74 -31.44 -18.28
N SER A 426 47.68 -31.27 -19.21
CA SER A 426 48.76 -30.30 -19.06
C SER A 426 48.21 -28.88 -19.19
N PHE A 427 47.24 -28.72 -20.06
CA PHE A 427 46.57 -27.44 -20.24
C PHE A 427 45.84 -27.05 -18.95
N VAL A 428 45.03 -27.97 -18.43
CA VAL A 428 44.29 -27.75 -17.20
C VAL A 428 45.27 -27.59 -16.04
N ALA A 429 46.40 -28.30 -16.11
CA ALA A 429 47.43 -28.18 -15.07
C ALA A 429 47.96 -26.76 -15.09
N HIS A 430 48.19 -26.24 -16.29
CA HIS A 430 48.59 -24.84 -16.46
C HIS A 430 47.47 -23.91 -16.02
N TYR A 431 46.24 -24.25 -16.42
CA TYR A 431 45.05 -23.50 -16.05
C TYR A 431 44.98 -23.32 -14.53
N LYS A 432 45.04 -24.43 -13.82
CA LYS A 432 44.95 -24.44 -12.36
C LYS A 432 46.00 -23.55 -11.72
N THR A 433 47.26 -23.79 -12.07
CA THR A 433 48.39 -23.14 -11.42
C THR A 433 48.29 -21.60 -11.45
N GLN A 434 48.07 -21.03 -12.63
CA GLN A 434 47.99 -19.57 -12.75
C GLN A 434 46.68 -19.06 -12.19
N LEU A 435 45.67 -19.91 -12.12
CA LEU A 435 44.42 -19.53 -11.48
C LEU A 435 44.72 -19.16 -10.04
N LEU A 436 45.38 -20.06 -9.33
CA LEU A 436 45.81 -19.80 -7.96
C LEU A 436 46.76 -18.62 -7.91
N ALA A 437 47.53 -18.42 -8.98
CA ALA A 437 48.48 -17.32 -9.03
C ALA A 437 47.75 -15.97 -9.05
N ARG A 438 46.62 -15.89 -9.75
CA ARG A 438 45.83 -14.66 -9.79
C ARG A 438 45.21 -14.40 -8.42
N CYS A 439 44.68 -15.45 -7.81
CA CYS A 439 44.11 -15.37 -6.47
C CYS A 439 45.18 -14.89 -5.49
N GLU A 440 46.29 -15.61 -5.46
CA GLU A 440 47.38 -15.31 -4.54
C GLU A 440 47.94 -13.92 -4.80
N ARG A 441 47.92 -13.51 -6.07
CA ARG A 441 48.41 -12.19 -6.46
C ARG A 441 47.51 -11.09 -5.90
N TYR A 442 46.21 -11.22 -6.14
CA TYR A 442 45.26 -10.24 -5.65
C TYR A 442 45.24 -10.25 -4.13
N LEU A 443 45.27 -11.45 -3.57
CA LEU A 443 45.18 -11.62 -2.12
C LEU A 443 46.32 -10.93 -1.38
N GLY A 444 47.39 -10.61 -2.10
CA GLY A 444 48.53 -9.95 -1.47
C GLY A 444 48.26 -8.51 -1.05
N PHE A 445 47.80 -7.68 -1.98
CA PHE A 445 47.66 -6.24 -1.75
C PHE A 445 46.24 -5.80 -1.35
N VAL A 446 45.31 -6.73 -1.25
CA VAL A 446 43.91 -6.40 -1.01
C VAL A 446 43.69 -5.70 0.33
N ASP A 447 44.46 -6.07 1.34
CA ASP A 447 44.28 -5.50 2.68
C ASP A 447 44.66 -4.02 2.71
N GLU A 448 45.47 -3.60 1.74
CA GLU A 448 45.95 -2.23 1.68
C GLU A 448 44.89 -1.32 1.05
N VAL A 449 43.91 -1.93 0.38
CA VAL A 449 42.86 -1.18 -0.32
C VAL A 449 42.14 -0.22 0.64
N ARG A 450 42.01 -0.63 1.90
CA ARG A 450 41.30 0.18 2.88
C ARG A 450 42.01 1.51 3.15
N ASP A 451 43.34 1.49 3.18
CA ASP A 451 44.12 2.63 3.64
C ASP A 451 44.62 3.56 2.52
N VAL A 452 44.34 3.22 1.28
CA VAL A 452 44.80 4.05 0.15
C VAL A 452 43.99 5.34 0.09
N GLU A 453 44.69 6.47 0.02
CA GLU A 453 44.04 7.77 -0.08
C GLU A 453 44.06 8.29 -1.51
N VAL A 454 42.89 8.32 -2.14
CA VAL A 454 42.77 8.75 -3.53
C VAL A 454 42.84 10.26 -3.62
N LEU B 28 -40.24 -15.39 10.38
CA LEU B 28 -39.05 -15.86 11.06
C LEU B 28 -37.80 -15.19 10.50
N THR B 29 -37.91 -14.65 9.29
CA THR B 29 -36.79 -14.00 8.61
C THR B 29 -37.16 -12.63 8.05
N LEU B 30 -36.50 -11.59 8.55
CA LEU B 30 -36.64 -10.23 8.01
C LEU B 30 -35.40 -9.82 7.23
N GLU B 31 -35.62 -9.34 6.01
CA GLU B 31 -34.53 -8.89 5.17
C GLU B 31 -34.05 -7.50 5.58
N MET B 32 -32.73 -7.32 5.56
CA MET B 32 -32.11 -6.03 5.88
C MET B 32 -31.88 -5.22 4.61
N HIS B 33 -32.52 -4.05 4.53
CA HIS B 33 -32.37 -3.18 3.36
C HIS B 33 -31.57 -1.93 3.69
N LEU B 34 -30.60 -1.62 2.83
CA LEU B 34 -29.92 -0.33 2.86
C LEU B 34 -30.49 0.51 1.74
N GLY B 35 -31.27 1.53 2.11
CA GLY B 35 -32.00 2.31 1.14
C GLY B 35 -33.05 1.46 0.44
N ASP B 36 -32.97 1.40 -0.90
CA ASP B 36 -33.82 0.53 -1.68
C ASP B 36 -33.14 -0.83 -1.95
N LEU B 37 -31.91 -0.95 -1.46
CA LEU B 37 -31.08 -2.13 -1.70
C LEU B 37 -31.07 -3.03 -0.47
N MET B 38 -31.08 -4.35 -0.72
CA MET B 38 -31.09 -5.34 0.35
C MET B 38 -29.70 -5.86 0.65
N ILE B 39 -29.19 -5.53 1.84
CA ILE B 39 -27.81 -5.87 2.21
C ILE B 39 -27.66 -7.11 3.09
N GLY B 40 -28.76 -7.72 3.51
CA GLY B 40 -28.69 -8.89 4.37
C GLY B 40 -30.01 -9.30 4.98
N GLU B 41 -29.96 -10.24 5.93
CA GLU B 41 -31.16 -10.84 6.51
C GLU B 41 -31.05 -10.94 8.02
N LEU B 42 -32.09 -10.48 8.71
CA LEU B 42 -32.24 -10.64 10.14
C LEU B 42 -33.21 -11.76 10.43
N SER B 43 -32.70 -12.85 11.00
CA SER B 43 -33.53 -14.01 11.31
C SER B 43 -33.84 -14.07 12.80
N PHE B 44 -35.10 -14.34 13.12
CA PHE B 44 -35.52 -14.49 14.52
C PHE B 44 -36.22 -15.84 14.70
N ASP B 45 -35.63 -16.68 15.52
CA ASP B 45 -36.22 -17.97 15.85
C ASP B 45 -37.08 -17.83 17.09
N ALA B 46 -38.39 -18.02 16.91
CA ALA B 46 -39.35 -17.80 18.00
C ALA B 46 -39.09 -18.76 19.16
N THR B 47 -38.87 -20.03 18.83
CA THR B 47 -38.76 -21.09 19.83
C THR B 47 -37.57 -20.89 20.78
N ALA B 48 -36.39 -20.68 20.22
CA ALA B 48 -35.18 -20.54 21.01
C ALA B 48 -34.99 -19.10 21.49
N ASP B 49 -35.97 -18.24 21.18
CA ASP B 49 -35.96 -16.82 21.55
C ASP B 49 -34.63 -16.18 21.18
N THR B 50 -34.18 -16.45 19.96
CA THR B 50 -32.84 -16.07 19.52
C THR B 50 -32.85 -15.26 18.23
N PHE B 51 -31.85 -14.39 18.11
CA PHE B 51 -31.63 -13.59 16.91
C PHE B 51 -30.41 -14.07 16.17
N ALA B 52 -30.45 -13.98 14.85
CA ALA B 52 -29.30 -14.29 14.01
C ALA B 52 -29.25 -13.31 12.85
N VAL B 53 -28.10 -12.70 12.61
CA VAL B 53 -27.94 -11.79 11.49
C VAL B 53 -26.80 -12.26 10.60
N HIS B 54 -27.16 -12.66 9.39
CA HIS B 54 -26.19 -13.11 8.39
C HIS B 54 -26.27 -12.17 7.19
N TYR B 55 -25.14 -11.97 6.51
CA TYR B 55 -25.02 -10.98 5.45
C TYR B 55 -24.76 -11.60 4.09
N THR B 56 -25.11 -10.87 3.03
CA THR B 56 -24.76 -11.28 1.66
C THR B 56 -23.25 -11.20 1.48
N LYS B 57 -22.74 -11.93 0.50
CA LYS B 57 -21.30 -12.07 0.31
C LYS B 57 -20.67 -10.81 -0.26
N ASP B 58 -21.36 -10.14 -1.17
CA ASP B 58 -20.85 -8.90 -1.76
C ASP B 58 -20.63 -7.86 -0.65
N TRP B 59 -21.50 -7.88 0.35
CA TRP B 59 -21.45 -6.94 1.46
C TRP B 59 -20.35 -7.33 2.46
N GLN B 60 -20.06 -8.63 2.57
CA GLN B 60 -19.04 -9.10 3.50
C GLN B 60 -17.65 -8.55 3.21
N GLN B 61 -17.27 -8.49 1.94
CA GLN B 61 -15.99 -7.91 1.53
C GLN B 61 -16.02 -6.37 1.46
N SER B 62 -17.02 -5.82 0.79
CA SER B 62 -17.05 -4.39 0.48
C SER B 62 -17.79 -3.50 1.47
N GLY B 63 -18.52 -4.10 2.42
CA GLY B 63 -19.46 -3.37 3.24
C GLY B 63 -19.03 -3.11 4.68
N PHE B 64 -20.01 -2.84 5.54
CA PHE B 64 -19.79 -2.64 6.97
C PHE B 64 -20.94 -3.25 7.78
N PRO B 65 -20.65 -3.71 9.01
CA PRO B 65 -21.67 -4.39 9.83
C PRO B 65 -22.67 -3.41 10.44
N LEU B 66 -23.80 -3.91 10.92
CA LEU B 66 -24.78 -3.08 11.62
C LEU B 66 -24.15 -2.28 12.74
N SER B 67 -23.40 -2.97 13.59
CA SER B 67 -22.62 -2.35 14.65
C SER B 67 -21.31 -3.10 14.73
N PRO B 68 -20.38 -2.63 15.56
CA PRO B 68 -19.13 -3.38 15.74
C PRO B 68 -19.37 -4.76 16.34
N THR B 69 -20.51 -4.91 17.02
CA THR B 69 -20.84 -6.13 17.74
C THR B 69 -21.71 -7.12 16.95
N ILE B 70 -22.02 -6.78 15.70
CA ILE B 70 -22.78 -7.66 14.82
C ILE B 70 -22.01 -7.87 13.52
N PRO B 71 -20.92 -8.65 13.56
CA PRO B 71 -19.99 -8.73 12.43
C PRO B 71 -20.61 -9.34 11.17
N LEU B 72 -19.90 -9.16 10.06
CA LEU B 72 -20.40 -9.53 8.73
C LEU B 72 -20.43 -11.05 8.49
N ASP B 73 -19.57 -11.79 9.17
CA ASP B 73 -19.51 -13.25 9.01
C ASP B 73 -20.75 -13.94 9.62
N GLY B 74 -21.54 -13.16 10.36
CA GLY B 74 -22.75 -13.67 10.98
C GLY B 74 -22.52 -14.21 12.38
N THR B 75 -21.41 -13.78 12.98
CA THR B 75 -21.00 -14.26 14.29
C THR B 75 -21.60 -13.38 15.39
N GLY B 76 -22.43 -12.41 15.00
CA GLY B 76 -23.09 -11.57 15.98
C GLY B 76 -23.94 -12.42 16.92
N THR B 77 -23.65 -12.30 18.21
CA THR B 77 -24.36 -13.07 19.23
C THR B 77 -25.80 -12.62 19.26
N SER B 78 -26.69 -13.54 19.58
CA SER B 78 -28.11 -13.25 19.64
C SER B 78 -28.40 -12.09 20.60
N ASN B 79 -27.70 -12.09 21.73
CA ASN B 79 -27.88 -11.06 22.74
C ASN B 79 -27.49 -9.69 22.23
N GLN B 80 -26.33 -9.60 21.58
CA GLN B 80 -25.86 -8.34 21.03
C GLN B 80 -26.80 -7.82 19.97
N ILE B 81 -27.34 -8.73 19.17
CA ILE B 81 -28.31 -8.38 18.14
C ILE B 81 -29.59 -7.85 18.79
N SER B 82 -30.07 -8.58 19.80
CA SER B 82 -31.28 -8.19 20.52
C SER B 82 -31.14 -6.81 21.15
N MET B 83 -30.05 -6.59 21.87
CA MET B 83 -29.83 -5.30 22.51
C MET B 83 -29.71 -4.19 21.47
N PHE B 84 -29.07 -4.48 20.35
CA PHE B 84 -28.90 -3.50 19.29
C PHE B 84 -30.26 -3.08 18.71
N LEU B 85 -31.15 -4.04 18.53
CA LEU B 85 -32.48 -3.75 18.02
C LEU B 85 -33.27 -2.93 19.04
N VAL B 86 -33.24 -3.36 20.30
CA VAL B 86 -33.93 -2.67 21.39
C VAL B 86 -33.43 -1.24 21.54
N ASN B 87 -32.16 -1.03 21.19
CA ASN B 87 -31.55 0.29 21.31
C ASN B 87 -32.11 1.29 20.29
N LEU B 88 -32.88 0.80 19.32
CA LEU B 88 -33.50 1.66 18.30
C LEU B 88 -34.91 2.13 18.68
N LEU B 89 -35.47 1.57 19.74
CA LEU B 89 -36.84 1.86 20.15
C LEU B 89 -36.88 3.04 21.12
N PRO B 90 -38.05 3.71 21.23
CA PRO B 90 -38.26 4.79 22.21
C PRO B 90 -38.38 4.31 23.67
N GLU B 91 -37.95 5.13 24.62
CA GLU B 91 -38.00 4.80 26.05
C GLU B 91 -39.20 5.42 26.78
N ASN B 92 -40.03 6.14 26.04
CA ASN B 92 -41.10 6.94 26.63
C ASN B 92 -42.48 6.39 26.26
N LYS B 93 -43.53 7.14 26.61
CA LYS B 93 -44.91 6.72 26.38
C LYS B 93 -45.17 6.30 24.93
N GLY B 94 -44.35 6.81 24.01
CA GLY B 94 -44.42 6.41 22.62
C GLY B 94 -44.21 4.92 22.48
N LEU B 95 -43.36 4.37 23.35
CA LEU B 95 -43.17 2.93 23.43
C LEU B 95 -44.48 2.24 23.75
N ASP B 96 -45.16 2.75 24.78
CA ASP B 96 -46.43 2.19 25.24
C ASP B 96 -47.53 2.42 24.21
N TYR B 97 -47.42 3.49 23.43
CA TYR B 97 -48.39 3.78 22.37
C TYR B 97 -48.22 2.82 21.21
N LEU B 98 -46.98 2.40 20.97
CA LEU B 98 -46.67 1.49 19.88
C LEU B 98 -47.13 0.06 20.18
N ILE B 99 -46.81 -0.43 21.38
CA ILE B 99 -47.20 -1.79 21.77
C ILE B 99 -48.70 -1.90 21.94
N GLU B 100 -49.35 -0.83 22.37
CA GLU B 100 -50.80 -0.83 22.54
C GLU B 100 -51.50 -0.71 21.19
N SER B 101 -50.93 0.05 20.27
CA SER B 101 -51.51 0.18 18.93
C SER B 101 -51.49 -1.16 18.21
N LEU B 102 -50.36 -1.86 18.29
CA LEU B 102 -50.23 -3.20 17.73
C LEU B 102 -50.79 -4.25 18.69
N GLY B 103 -50.89 -3.89 19.96
CA GLY B 103 -51.46 -4.77 20.97
C GLY B 103 -50.58 -5.94 21.35
N VAL B 104 -49.26 -5.75 21.29
CA VAL B 104 -48.32 -6.82 21.62
C VAL B 104 -47.75 -6.63 23.02
N SER B 105 -46.94 -7.61 23.44
CA SER B 105 -46.28 -7.56 24.74
C SER B 105 -45.03 -6.68 24.68
N LYS B 106 -44.62 -6.17 25.83
CA LYS B 106 -43.37 -5.42 25.93
C LYS B 106 -42.21 -6.31 25.46
N GLY B 107 -42.36 -7.61 25.70
CA GLY B 107 -41.29 -8.55 25.48
C GLY B 107 -41.09 -8.96 24.03
N ASN B 108 -42.02 -8.57 23.16
CA ASN B 108 -41.84 -8.83 21.73
C ASN B 108 -41.21 -7.62 21.05
N THR B 109 -39.94 -7.72 20.72
CA THR B 109 -39.20 -6.69 19.98
C THR B 109 -39.39 -6.85 18.47
N PHE B 110 -39.47 -8.11 18.04
CA PHE B 110 -39.56 -8.46 16.63
C PHE B 110 -40.72 -7.78 15.92
N ALA B 111 -41.88 -7.79 16.57
CA ALA B 111 -43.07 -7.16 16.00
C ALA B 111 -42.88 -5.65 15.92
N LEU B 112 -42.20 -5.10 16.91
CA LEU B 112 -41.99 -3.65 16.98
C LEU B 112 -41.04 -3.16 15.90
N ILE B 113 -39.96 -3.91 15.67
CA ILE B 113 -38.99 -3.53 14.64
C ILE B 113 -39.62 -3.59 13.25
N ARG B 114 -40.28 -4.70 12.92
CA ARG B 114 -40.88 -4.87 11.61
C ARG B 114 -41.89 -3.78 11.33
N ALA B 115 -42.51 -3.26 12.39
CA ALA B 115 -43.47 -2.18 12.26
C ALA B 115 -42.78 -0.85 11.95
N ILE B 116 -41.71 -0.55 12.68
CA ILE B 116 -40.98 0.69 12.52
C ILE B 116 -39.83 0.52 11.52
N GLY B 117 -39.75 -0.66 10.91
CA GLY B 117 -38.62 -1.05 10.10
C GLY B 117 -38.20 -0.12 8.97
N LEU B 118 -39.18 0.51 8.32
CA LEU B 118 -38.90 1.34 7.14
C LEU B 118 -38.14 2.61 7.50
N ASP B 119 -38.45 3.16 8.66
CA ASP B 119 -37.79 4.37 9.15
C ASP B 119 -37.25 4.14 10.54
N THR B 120 -35.92 4.14 10.66
CA THR B 120 -35.26 4.02 11.94
C THR B 120 -34.01 4.89 11.96
N ALA B 121 -33.33 4.92 13.11
CA ALA B 121 -32.06 5.62 13.21
C ALA B 121 -31.03 4.86 12.38
N GLY B 122 -30.39 5.55 11.45
CA GLY B 122 -29.44 4.93 10.56
C GLY B 122 -30.05 4.65 9.21
N ALA B 123 -29.27 4.01 8.34
CA ALA B 123 -29.64 3.85 6.94
C ALA B 123 -30.28 2.50 6.64
N ILE B 124 -30.35 1.64 7.65
CA ILE B 124 -30.89 0.30 7.47
C ILE B 124 -32.38 0.29 7.74
N ALA B 125 -33.13 -0.16 6.74
CA ALA B 125 -34.57 -0.34 6.87
C ALA B 125 -34.85 -1.84 6.91
N PHE B 126 -35.55 -2.28 7.94
CA PHE B 126 -35.85 -3.71 8.12
C PHE B 126 -37.20 -4.05 7.48
N VAL B 127 -37.16 -4.84 6.42
CA VAL B 127 -38.35 -5.09 5.60
C VAL B 127 -38.81 -6.55 5.69
N PRO B 128 -40.05 -6.78 6.14
CA PRO B 128 -40.62 -8.13 6.02
C PRO B 128 -40.63 -8.58 4.55
N LYS B 129 -40.41 -9.86 4.28
CA LYS B 129 -40.22 -10.31 2.90
C LYS B 129 -41.40 -10.00 1.98
N GLY B 130 -41.11 -9.31 0.88
CA GLY B 130 -42.08 -9.04 -0.17
C GLY B 130 -43.28 -8.19 0.17
N ALA B 131 -43.13 -7.23 1.09
CA ALA B 131 -44.24 -6.36 1.47
C ALA B 131 -43.84 -4.88 1.45
N LEU B 132 -44.45 -4.12 0.54
CA LEU B 132 -44.26 -2.68 0.49
C LEU B 132 -45.46 -1.98 -0.15
N LEU B 133 -45.78 -0.79 0.32
CA LEU B 133 -46.91 -0.04 -0.21
C LEU B 133 -46.70 0.35 -1.69
N PRO B 134 -45.64 1.12 -2.00
CA PRO B 134 -44.79 2.02 -1.20
C PRO B 134 -45.48 3.30 -0.67
N GLU B 135 -46.33 4.01 -1.42
CA GLU B 135 -46.50 3.88 -2.87
C GLU B 135 -45.77 4.88 -3.80
N THR B 136 -45.08 5.94 -3.36
CA THR B 136 -44.75 6.34 -2.00
C THR B 136 -45.53 7.60 -1.57
N GLN B 137 -45.37 8.67 -2.34
CA GLN B 137 -46.01 9.99 -2.14
C GLN B 137 -45.82 10.64 -0.76
N LEU B 138 -46.83 11.35 -0.26
CA LEU B 138 -46.66 12.24 0.89
C LEU B 138 -47.98 12.58 1.59
N ARG B 139 -47.87 13.08 2.82
CA ARG B 139 -49.01 13.56 3.58
C ARG B 139 -48.73 14.93 4.18
N PRO B 140 -49.06 16.01 3.45
CA PRO B 140 -48.87 17.39 3.93
C PRO B 140 -49.60 17.67 5.25
N ILE B 141 -49.17 18.70 5.97
CA ILE B 141 -49.72 19.01 7.29
C ILE B 141 -50.22 20.45 7.35
N LYS B 142 -51.34 20.64 8.07
CA LYS B 142 -51.90 21.97 8.32
C LYS B 142 -51.63 22.40 9.76
N ALA B 143 -51.48 23.70 9.95
CA ALA B 143 -51.22 24.26 11.26
C ALA B 143 -52.37 23.97 12.23
N GLU B 144 -53.57 23.77 11.70
CA GLU B 144 -54.77 23.61 12.53
C GLU B 144 -54.78 22.29 13.31
N GLU B 145 -54.21 21.25 12.73
CA GLU B 145 -54.20 19.93 13.37
C GLU B 145 -53.12 19.79 14.43
N VAL B 146 -52.06 20.59 14.35
CA VAL B 146 -51.00 20.52 15.35
C VAL B 146 -51.39 21.29 16.63
N ILE B 147 -52.04 22.44 16.50
CA ILE B 147 -52.41 23.26 17.65
C ILE B 147 -53.40 22.51 18.54
N GLN B 148 -54.32 21.79 17.92
CA GLN B 148 -55.25 20.94 18.66
C GLN B 148 -54.50 19.74 19.25
N ARG B 149 -53.38 19.40 18.62
CA ARG B 149 -52.48 18.34 19.08
C ARG B 149 -51.41 18.84 20.05
N ILE B 150 -51.32 20.16 20.25
CA ILE B 150 -50.46 20.74 21.29
C ILE B 150 -51.11 20.83 22.68
N GLU B 151 -52.38 21.23 22.73
CA GLU B 151 -52.99 21.72 23.97
C GLU B 151 -53.52 20.66 24.98
N ASP B 152 -53.77 19.44 24.53
CA ASP B 152 -54.40 18.42 25.38
C ASP B 152 -53.79 17.01 25.20
N PRO B 153 -52.61 16.76 25.80
CA PRO B 153 -51.84 15.51 25.63
C PRO B 153 -52.59 14.21 25.92
N THR B 154 -53.64 14.29 26.74
CA THR B 154 -54.46 13.14 27.07
C THR B 154 -55.27 12.73 25.85
N MET B 155 -55.77 13.72 25.13
CA MET B 155 -56.69 13.52 24.01
C MET B 155 -56.00 12.99 22.73
N TRP B 156 -54.72 13.29 22.56
CA TRP B 156 -53.96 12.82 21.39
C TRP B 156 -52.74 12.01 21.85
N PRO B 157 -52.96 10.71 22.11
CA PRO B 157 -51.86 9.81 22.50
C PRO B 157 -50.71 9.77 21.50
N ARG B 166 -43.64 11.21 41.41
CA ARG B 166 -42.82 12.18 40.68
C ARG B 166 -41.69 12.72 41.55
N LEU B 167 -40.47 12.25 41.29
CA LEU B 167 -39.30 12.68 42.05
C LEU B 167 -38.38 13.54 41.16
N SEP B 168 -37.68 12.90 40.22
CA SEP B 168 -36.61 13.58 39.46
CB SEP B 168 -35.26 13.34 40.14
OG SEP B 168 -34.62 14.58 40.45
C SEP B 168 -36.53 13.23 37.96
O SEP B 168 -37.46 12.62 37.42
P SEP B 168 -35.31 15.43 41.65
O1P SEP B 168 -36.06 14.47 42.70
O2P SEP B 168 -34.16 16.23 42.44
O3P SEP B 168 -36.33 16.51 41.04
HA SEP B 168 -36.78 14.55 39.52
HB2 SEP B 168 -34.69 12.83 39.55
HB3 SEP B 168 -35.41 12.85 40.97
N VAL B 169 -35.41 13.57 37.32
CA VAL B 169 -35.39 13.85 35.87
C VAL B 169 -34.70 12.89 34.89
N ALA B 170 -35.39 12.65 33.78
CA ALA B 170 -34.79 12.14 32.54
C ALA B 170 -35.39 12.92 31.37
N GLY B 171 -36.69 12.67 31.20
CA GLY B 171 -37.60 13.19 30.18
C GLY B 171 -38.79 12.29 30.51
N VAL B 172 -40.06 12.51 30.14
CA VAL B 172 -40.77 13.60 29.44
C VAL B 172 -40.21 14.15 28.10
N GLN B 173 -40.55 15.41 27.83
CA GLN B 173 -40.43 16.09 26.53
C GLN B 173 -41.34 15.44 25.47
N PRO B 174 -42.04 16.25 24.65
CA PRO B 174 -42.68 15.87 23.36
C PRO B 174 -41.78 15.97 22.13
N LYS B 175 -42.01 15.13 21.11
CA LYS B 175 -41.32 15.30 19.83
C LYS B 175 -42.02 14.55 18.70
N LEU B 176 -41.72 14.95 17.46
CA LEU B 176 -42.18 14.25 16.26
C LEU B 176 -41.11 14.23 15.16
N ASN B 177 -41.10 13.18 14.35
CA ASN B 177 -40.21 13.10 13.19
C ASN B 177 -41.01 13.43 11.93
N LEU B 178 -40.49 14.33 11.11
CA LEU B 178 -41.25 14.87 9.98
C LEU B 178 -40.41 15.10 8.73
N PHE B 179 -41.10 15.24 7.60
CA PHE B 179 -40.46 15.54 6.33
C PHE B 179 -40.41 17.05 6.15
N TYR B 180 -39.27 17.56 5.71
CA TYR B 180 -39.03 19.00 5.66
C TYR B 180 -38.53 19.46 4.29
N ASN B 181 -39.37 20.22 3.59
CA ASN B 181 -39.01 20.79 2.29
C ASN B 181 -38.57 22.26 2.39
N GLY B 182 -38.65 22.82 3.60
CA GLY B 182 -38.31 24.21 3.83
C GLY B 182 -39.54 25.08 4.01
N LYS B 183 -40.69 24.55 3.61
CA LYS B 183 -41.94 25.28 3.72
C LYS B 183 -42.95 24.54 4.57
N GLU B 184 -43.48 23.43 4.05
CA GLU B 184 -44.54 22.70 4.71
C GLU B 184 -44.03 21.37 5.23
N PHE B 185 -44.52 20.97 6.40
CA PHE B 185 -44.13 19.71 7.01
C PHE B 185 -45.13 18.64 6.60
N ALA B 186 -44.62 17.42 6.41
CA ALA B 186 -45.46 16.31 5.99
C ALA B 186 -44.99 15.00 6.61
N PHE B 187 -45.85 13.99 6.56
CA PHE B 187 -45.46 12.63 6.91
C PHE B 187 -44.91 11.95 5.67
N ALA B 188 -43.68 11.47 5.75
CA ALA B 188 -43.07 10.73 4.64
C ALA B 188 -43.52 9.27 4.71
N GLU B 189 -43.89 8.72 3.56
CA GLU B 189 -44.40 7.34 3.49
C GLU B 189 -43.52 6.49 2.59
N GLY B 190 -43.43 5.20 2.93
CA GLY B 190 -42.69 4.26 2.12
C GLY B 190 -41.20 4.45 2.21
N THR B 191 -40.54 4.39 1.07
CA THR B 191 -39.08 4.52 1.01
C THR B 191 -38.60 5.91 1.44
N LEU B 192 -39.47 6.91 1.34
CA LEU B 192 -39.17 8.24 1.87
C LEU B 192 -39.40 8.30 3.36
N SER B 193 -38.53 9.04 4.05
CA SER B 193 -38.56 9.09 5.51
C SER B 193 -38.39 10.53 5.99
N SER B 194 -38.67 10.73 7.28
CA SER B 194 -38.56 12.05 7.89
C SER B 194 -37.11 12.54 7.92
N THR B 195 -36.90 13.75 7.43
CA THR B 195 -35.58 14.36 7.39
C THR B 195 -35.31 15.32 8.55
N HIS B 196 -36.31 15.52 9.40
CA HIS B 196 -36.18 16.43 10.54
C HIS B 196 -36.94 15.93 11.75
N ILE B 197 -36.49 16.36 12.93
CA ILE B 197 -37.16 16.08 14.17
C ILE B 197 -37.64 17.40 14.80
N VAL B 198 -38.95 17.56 14.87
CA VAL B 198 -39.55 18.75 15.45
C VAL B 198 -39.89 18.49 16.91
N LYS B 199 -39.32 19.32 17.78
CA LYS B 199 -39.42 19.12 19.23
C LYS B 199 -40.21 20.24 19.89
N PHE B 200 -41.17 19.88 20.73
CA PHE B 200 -42.08 20.84 21.35
C PHE B 200 -41.74 21.07 22.82
N GLU B 201 -42.04 22.27 23.33
CA GLU B 201 -41.78 22.57 24.74
C GLU B 201 -43.06 22.52 25.57
N LYS B 202 -43.20 21.46 26.35
CA LYS B 202 -44.21 21.40 27.40
C LYS B 202 -43.64 22.10 28.64
N TYR B 203 -42.40 21.78 28.94
CA TYR B 203 -41.68 22.38 30.06
C TYR B 203 -41.13 23.73 29.61
N HIS B 204 -40.94 24.63 30.56
CA HIS B 204 -40.59 26.00 30.25
C HIS B 204 -39.35 26.14 29.39
N HIS B 205 -39.51 26.81 28.25
CA HIS B 205 -38.38 27.28 27.45
C HIS B 205 -37.40 26.17 27.09
N LEU B 206 -37.91 24.96 26.89
CA LEU B 206 -37.05 23.85 26.50
C LEU B 206 -36.52 24.10 25.09
N VAL B 207 -37.38 24.60 24.21
CA VAL B 207 -36.99 24.91 22.85
C VAL B 207 -35.88 25.96 22.85
N ILE B 208 -36.07 27.01 23.64
CA ILE B 208 -35.11 28.10 23.72
C ILE B 208 -33.80 27.61 24.30
N ASN B 209 -33.86 26.74 25.29
CA ASN B 209 -32.66 26.22 25.91
C ASN B 209 -31.79 25.48 24.91
N GLU B 210 -32.37 24.50 24.24
CA GLU B 210 -31.62 23.67 23.30
C GLU B 210 -31.18 24.44 22.07
N PHE B 211 -32.05 25.35 21.60
CA PHE B 211 -31.69 26.17 20.44
C PHE B 211 -30.47 27.02 20.76
N ILE B 212 -30.47 27.67 21.92
CA ILE B 212 -29.35 28.50 22.33
C ILE B 212 -28.07 27.66 22.42
N THR B 213 -28.15 26.55 23.13
CA THR B 213 -26.98 25.71 23.38
C THR B 213 -26.48 25.04 22.09
N MET B 214 -27.40 24.54 21.28
CA MET B 214 -27.04 23.94 20.00
C MET B 214 -26.43 24.97 19.07
N ARG B 215 -27.00 26.18 19.09
CA ARG B 215 -26.50 27.26 18.25
C ARG B 215 -25.13 27.72 18.74
N LEU B 216 -24.95 27.79 20.06
CA LEU B 216 -23.68 28.19 20.65
C LEU B 216 -22.55 27.28 20.20
N ALA B 217 -22.82 25.98 20.18
CA ALA B 217 -21.82 25.01 19.71
C ALA B 217 -21.42 25.31 18.28
N LYS B 218 -22.41 25.54 17.43
CA LYS B 218 -22.14 25.80 16.02
C LYS B 218 -21.38 27.11 15.88
N VAL B 219 -21.82 28.13 16.61
CA VAL B 219 -21.16 29.43 16.62
C VAL B 219 -19.72 29.30 17.14
N LEU B 220 -19.52 28.42 18.12
CA LEU B 220 -18.17 28.18 18.65
C LEU B 220 -17.32 27.38 17.66
N GLY B 221 -17.95 26.91 16.58
CA GLY B 221 -17.26 26.20 15.51
C GLY B 221 -17.30 24.70 15.68
N MET B 222 -17.99 24.25 16.72
CA MET B 222 -18.14 22.82 16.98
C MET B 222 -18.94 22.17 15.88
N ASN B 223 -18.81 20.86 15.75
CA ASN B 223 -19.59 20.12 14.77
C ASN B 223 -20.91 19.68 15.37
N VAL B 224 -22.01 20.25 14.88
CA VAL B 224 -23.31 20.06 15.49
C VAL B 224 -24.41 20.09 14.43
N ALA B 225 -25.45 19.28 14.62
CA ALA B 225 -26.56 19.23 13.69
C ALA B 225 -27.23 20.60 13.61
N ASN B 226 -27.76 20.94 12.44
CA ASN B 226 -28.40 22.24 12.24
C ASN B 226 -29.82 22.27 12.83
N VAL B 227 -30.08 23.30 13.64
CA VAL B 227 -31.36 23.45 14.32
C VAL B 227 -31.94 24.84 14.08
N ASP B 228 -33.26 24.90 13.90
CA ASP B 228 -33.96 26.18 13.76
C ASP B 228 -35.23 26.16 14.60
N ILE B 229 -35.71 27.35 14.97
CA ILE B 229 -37.00 27.47 15.66
C ILE B 229 -38.10 27.69 14.64
N VAL B 230 -39.23 27.01 14.87
CA VAL B 230 -40.42 27.16 14.04
C VAL B 230 -41.62 27.44 14.93
N HIS B 231 -42.60 28.16 14.40
CA HIS B 231 -43.74 28.62 15.19
C HIS B 231 -45.02 27.91 14.77
N PHE B 232 -45.71 27.34 15.76
CA PHE B 232 -47.06 26.82 15.58
C PHE B 232 -48.02 27.57 16.51
N GLY B 233 -48.90 28.38 15.93
CA GLY B 233 -49.80 29.22 16.70
C GLY B 233 -49.04 30.15 17.64
N ARG B 234 -49.37 30.08 18.93
CA ARG B 234 -48.64 30.79 19.96
C ARG B 234 -47.49 29.96 20.52
N TYR B 235 -47.46 28.68 20.14
CA TYR B 235 -46.49 27.72 20.68
C TYR B 235 -45.25 27.58 19.80
N LYS B 236 -44.09 27.45 20.45
CA LYS B 236 -42.82 27.35 19.75
C LYS B 236 -42.30 25.91 19.72
N ALA B 237 -41.60 25.57 18.63
CA ALA B 237 -41.04 24.23 18.44
C ALA B 237 -39.61 24.30 17.91
N LEU B 238 -38.81 23.26 18.19
CA LEU B 238 -37.43 23.19 17.73
C LEU B 238 -37.27 22.20 16.59
N CYS B 239 -36.91 22.71 15.42
CA CYS B 239 -36.73 21.88 14.24
C CYS B 239 -35.25 21.50 14.05
N VAL B 240 -34.95 20.22 14.26
CA VAL B 240 -33.59 19.70 14.19
C VAL B 240 -33.40 18.92 12.90
N GLU B 241 -32.29 19.20 12.21
CA GLU B 241 -32.00 18.51 10.96
C GLU B 241 -31.30 17.19 11.22
N ARG B 242 -31.86 16.12 10.65
CA ARG B 242 -31.30 14.79 10.80
C ARG B 242 -30.09 14.61 9.89
N PHE B 243 -28.98 14.15 10.48
CA PHE B 243 -27.75 13.91 9.71
C PHE B 243 -27.66 12.47 9.23
N ASP B 244 -28.57 11.62 9.68
CA ASP B 244 -28.67 10.25 9.17
C ASP B 244 -29.66 10.21 8.02
N ARG B 245 -30.13 11.39 7.63
CA ARG B 245 -31.04 11.54 6.50
C ARG B 245 -30.66 12.75 5.67
N ARG B 246 -30.67 12.60 4.36
CA ARG B 246 -30.42 13.69 3.44
C ARG B 246 -31.47 13.67 2.35
N ASN B 247 -32.24 14.76 2.27
CA ASN B 247 -33.25 14.88 1.24
C ASN B 247 -32.61 15.25 -0.08
N ILE B 248 -32.80 14.40 -1.08
CA ILE B 248 -32.40 14.72 -2.43
C ILE B 248 -33.52 15.53 -3.09
N PRO B 249 -33.23 16.79 -3.47
CA PRO B 249 -34.28 17.58 -4.12
C PRO B 249 -34.57 17.14 -5.55
N GLY B 250 -35.80 17.39 -6.01
CA GLY B 250 -36.16 17.19 -7.41
C GLY B 250 -36.99 15.97 -7.72
N GLU B 251 -36.99 14.98 -6.81
CA GLU B 251 -37.82 13.78 -6.99
C GLU B 251 -38.12 13.16 -5.64
N GLN B 252 -38.74 11.98 -5.65
CA GLN B 252 -39.12 11.36 -4.39
C GLN B 252 -38.13 10.27 -4.00
N ARG B 253 -37.26 10.64 -3.07
CA ARG B 253 -36.38 9.72 -2.38
C ARG B 253 -35.88 10.45 -1.13
N VAL B 254 -35.41 9.69 -0.13
CA VAL B 254 -34.68 10.25 0.99
C VAL B 254 -33.50 9.35 1.24
N LEU B 255 -32.30 9.90 1.11
CA LEU B 255 -31.07 9.12 1.27
C LEU B 255 -30.60 9.12 2.72
N ARG B 256 -30.32 7.91 3.21
CA ARG B 256 -29.95 7.73 4.60
C ARG B 256 -28.48 7.41 4.74
N ARG B 257 -27.89 7.86 5.85
CA ARG B 257 -26.53 7.50 6.22
C ARG B 257 -26.55 6.80 7.58
N HIS B 258 -26.01 5.59 7.65
CA HIS B 258 -26.11 4.79 8.86
C HIS B 258 -25.34 5.37 10.03
N ILE B 259 -25.92 5.23 11.21
CA ILE B 259 -25.30 5.70 12.45
C ILE B 259 -25.62 4.74 13.58
N VAL B 260 -24.75 4.71 14.58
CA VAL B 260 -25.02 3.97 15.81
C VAL B 260 -24.63 4.86 16.98
N ASP B 261 -25.35 4.71 18.09
CA ASP B 261 -25.04 5.41 19.32
C ASP B 261 -23.86 4.74 19.99
N SER B 262 -23.40 5.30 21.11
CA SER B 262 -22.24 4.73 21.79
C SER B 262 -22.61 3.40 22.46
N CYS B 263 -23.89 3.21 22.78
CA CYS B 263 -24.32 1.94 23.35
C CYS B 263 -24.20 0.79 22.36
N GLN B 264 -24.82 0.93 21.20
CA GLN B 264 -24.79 -0.12 20.19
C GLN B 264 -23.36 -0.44 19.78
N ALA B 265 -22.50 0.55 19.89
CA ALA B 265 -21.10 0.41 19.50
C ALA B 265 -20.32 -0.34 20.56
N LEU B 266 -20.56 0.00 21.82
CA LEU B 266 -19.90 -0.67 22.92
C LEU B 266 -20.53 -2.03 23.19
N GLY B 267 -21.65 -2.31 22.52
CA GLY B 267 -22.39 -3.53 22.74
C GLY B 267 -23.09 -3.52 24.08
N PHE B 268 -23.66 -2.37 24.44
CA PHE B 268 -24.33 -2.20 25.73
C PHE B 268 -25.84 -2.20 25.61
N SER B 269 -26.49 -2.72 26.65
CA SER B 269 -27.93 -2.70 26.73
C SER B 269 -28.41 -1.26 26.84
N VAL B 270 -29.66 -1.04 26.44
CA VAL B 270 -30.29 0.27 26.53
C VAL B 270 -30.24 0.81 27.96
N SER B 271 -30.20 -0.11 28.93
CA SER B 271 -30.19 0.27 30.33
C SER B 271 -28.89 0.96 30.73
N LYS B 272 -27.83 0.78 29.94
CA LYS B 272 -26.50 1.29 30.31
C LYS B 272 -26.24 2.70 29.80
N LYS B 273 -27.23 3.33 29.18
CA LYS B 273 -27.09 4.67 28.62
C LYS B 273 -26.47 5.65 29.62
N TYR B 274 -26.84 5.51 30.89
CA TYR B 274 -26.23 6.28 31.98
C TYR B 274 -25.10 5.47 32.59
N GLU B 275 -24.04 6.14 33.07
CA GLU B 275 -22.92 5.43 33.67
C GLU B 275 -23.34 4.56 34.86
N ARG B 276 -24.26 5.07 35.68
CA ARG B 276 -24.90 4.27 36.72
C ARG B 276 -26.18 3.67 36.15
N ASN B 277 -26.16 2.36 35.89
CA ASN B 277 -27.16 1.75 35.02
C ASN B 277 -28.44 1.41 35.74
N PHE B 278 -28.49 1.74 37.02
CA PHE B 278 -29.66 1.47 37.84
C PHE B 278 -30.31 2.77 38.32
N GLY B 279 -29.59 3.52 39.15
CA GLY B 279 -30.11 4.77 39.66
C GLY B 279 -29.14 5.55 40.53
N THR B 280 -29.64 6.63 41.11
CA THR B 280 -28.83 7.51 41.95
C THR B 280 -28.73 7.03 43.40
N GLY B 281 -29.42 5.94 43.72
CA GLY B 281 -29.51 5.41 45.07
C GLY B 281 -28.16 5.21 45.75
N ARG B 282 -28.12 5.50 47.05
CA ARG B 282 -26.87 5.47 47.81
C ARG B 282 -26.28 4.07 47.95
N ASP B 283 -27.14 3.06 47.94
CA ASP B 283 -26.68 1.67 47.92
C ASP B 283 -26.16 1.31 46.52
N VAL B 284 -26.77 1.92 45.50
CA VAL B 284 -26.42 1.66 44.10
C VAL B 284 -25.47 2.73 43.55
N LYS B 285 -25.14 3.72 44.36
CA LYS B 285 -24.26 4.80 43.94
C LYS B 285 -22.93 4.27 43.42
N ASP B 286 -22.47 3.16 43.99
CA ASP B 286 -21.13 2.65 43.69
C ASP B 286 -21.12 1.67 42.51
N ILE B 287 -22.30 1.41 41.93
CA ILE B 287 -22.38 0.54 40.76
C ILE B 287 -22.34 1.36 39.48
N ARG B 288 -21.20 1.30 38.77
CA ARG B 288 -21.13 1.82 37.41
C ARG B 288 -20.78 0.71 36.43
N GLU B 289 -21.79 0.17 35.76
CA GLU B 289 -21.59 -0.75 34.64
C GLU B 289 -21.83 -0.07 33.29
N GLY B 290 -22.27 1.19 33.34
CA GLY B 290 -22.73 1.88 32.16
C GLY B 290 -21.62 2.53 31.36
N VAL B 291 -21.99 3.45 30.47
CA VAL B 291 -21.02 4.16 29.63
C VAL B 291 -20.34 5.29 30.40
N SER B 292 -19.02 5.21 30.49
CA SER B 292 -18.22 6.24 31.15
C SER B 292 -17.38 6.97 30.10
N PHE B 293 -16.64 7.97 30.53
CA PHE B 293 -15.81 8.72 29.59
C PHE B 293 -14.69 7.84 29.09
N ASN B 294 -14.10 7.05 29.97
CA ASN B 294 -13.04 6.14 29.58
C ASN B 294 -13.55 5.13 28.56
N ARG B 295 -14.81 4.70 28.72
CA ARG B 295 -15.41 3.79 27.76
C ARG B 295 -15.75 4.48 26.44
N LEU B 296 -16.11 5.76 26.52
CA LEU B 296 -16.42 6.54 25.33
C LEU B 296 -15.17 6.80 24.48
N PHE B 297 -14.09 7.20 25.14
CA PHE B 297 -12.84 7.50 24.46
C PHE B 297 -12.22 6.25 23.86
N SER B 298 -12.52 5.11 24.47
CA SER B 298 -11.98 3.84 24.01
C SER B 298 -12.42 3.53 22.58
N LEU B 299 -13.49 4.18 22.15
CA LEU B 299 -14.03 3.95 20.82
C LEU B 299 -13.23 4.68 19.74
N ALA B 300 -12.31 5.54 20.17
CA ALA B 300 -11.49 6.31 19.24
C ALA B 300 -10.67 5.38 18.35
N ALA B 301 -10.20 4.28 18.92
CA ALA B 301 -9.35 3.34 18.18
C ALA B 301 -10.06 2.75 16.97
N LYS B 302 -11.37 2.54 17.10
CA LYS B 302 -12.17 1.96 16.02
C LYS B 302 -12.56 3.03 14.99
N CYS B 303 -12.45 4.30 15.36
CA CYS B 303 -12.76 5.39 14.43
C CYS B 303 -11.73 5.53 13.32
N ARG B 304 -12.14 6.18 12.24
CA ARG B 304 -11.25 6.41 11.11
C ARG B 304 -10.05 7.23 11.55
N ASN B 305 -10.31 8.29 12.31
CA ASN B 305 -9.25 9.16 12.80
C ASN B 305 -9.31 9.29 14.31
N PRO B 306 -8.61 8.39 15.03
CA PRO B 306 -8.63 8.34 16.51
C PRO B 306 -8.33 9.69 17.17
N VAL B 307 -7.41 10.45 16.59
CA VAL B 307 -7.03 11.76 17.13
C VAL B 307 -8.17 12.77 16.98
N ALA B 308 -8.82 12.78 15.81
CA ALA B 308 -9.92 13.71 15.57
C ALA B 308 -11.09 13.47 16.53
N ALA B 309 -11.34 12.20 16.81
CA ALA B 309 -12.42 11.81 17.70
C ALA B 309 -12.12 12.23 19.13
N LYS B 310 -10.94 11.88 19.62
CA LYS B 310 -10.56 12.14 21.01
C LYS B 310 -10.66 13.62 21.39
N GLN B 311 -10.43 14.51 20.43
CA GLN B 311 -10.64 15.93 20.68
C GLN B 311 -12.13 16.23 20.67
N ASP B 312 -12.83 15.61 19.73
CA ASP B 312 -14.28 15.73 19.65
C ASP B 312 -14.91 15.16 20.92
N MET B 313 -14.33 14.09 21.44
CA MET B 313 -14.80 13.48 22.67
C MET B 313 -14.64 14.47 23.83
N LEU B 314 -13.43 15.03 23.96
CA LEU B 314 -13.14 15.92 25.06
C LEU B 314 -13.89 17.24 24.93
N GLN B 315 -13.99 17.75 23.70
CA GLN B 315 -14.73 18.99 23.48
C GLN B 315 -16.18 18.77 23.86
N TRP B 316 -16.69 17.58 23.57
CA TRP B 316 -18.04 17.20 23.95
C TRP B 316 -18.18 17.22 25.47
N ALA B 317 -17.18 16.69 26.16
CA ALA B 317 -17.15 16.73 27.61
C ALA B 317 -17.06 18.16 28.11
N LEU B 318 -16.06 18.89 27.63
CA LEU B 318 -15.81 20.25 28.10
C LEU B 318 -16.94 21.22 27.80
N PHE B 319 -17.56 21.06 26.63
CA PHE B 319 -18.69 21.90 26.24
C PHE B 319 -19.86 21.69 27.19
N ASN B 320 -20.16 20.43 27.46
CA ASN B 320 -21.27 20.07 28.33
C ASN B 320 -21.04 20.54 29.76
N LEU B 321 -19.78 20.66 30.15
CA LEU B 321 -19.45 21.20 31.48
C LEU B 321 -19.69 22.70 31.51
N LEU B 322 -19.26 23.40 30.48
CA LEU B 322 -19.39 24.85 30.43
C LEU B 322 -20.85 25.29 30.23
N THR B 323 -21.62 24.50 29.50
CA THR B 323 -23.01 24.85 29.22
C THR B 323 -23.96 24.34 30.30
N GLY B 324 -23.47 23.47 31.17
CA GLY B 324 -24.30 22.92 32.24
C GLY B 324 -25.23 21.81 31.76
N ASN B 325 -24.71 20.90 30.95
CA ASN B 325 -25.46 19.73 30.51
C ASN B 325 -25.03 18.49 31.29
N ALA B 326 -25.87 18.06 32.22
CA ALA B 326 -25.59 16.89 33.05
C ALA B 326 -26.28 15.65 32.50
N ASP B 327 -27.08 15.81 31.45
CA ASP B 327 -27.89 14.71 30.90
C ASP B 327 -27.17 14.02 29.75
N ALA B 328 -25.91 14.38 29.50
CA ALA B 328 -25.22 13.82 28.34
C ALA B 328 -24.87 12.35 28.58
N HIS B 329 -25.42 11.49 27.74
CA HIS B 329 -25.38 10.04 27.96
C HIS B 329 -25.08 9.28 26.68
N GLY B 330 -25.14 7.96 26.75
CA GLY B 330 -24.74 7.09 25.65
C GLY B 330 -25.46 7.28 24.33
N LYS B 331 -26.76 7.55 24.38
CA LYS B 331 -27.55 7.75 23.16
C LYS B 331 -27.48 9.20 22.63
N ASN B 332 -26.77 10.08 23.34
CA ASN B 332 -26.58 11.46 22.87
C ASN B 332 -25.27 11.66 22.10
N TYR B 333 -24.48 10.60 21.96
CA TYR B 333 -23.26 10.63 21.16
C TYR B 333 -23.26 9.42 20.24
N SER B 334 -23.15 9.66 18.93
CA SER B 334 -23.29 8.60 17.94
C SER B 334 -22.15 8.65 16.94
N PHE B 335 -22.04 7.59 16.14
CA PHE B 335 -21.00 7.46 15.12
C PHE B 335 -21.57 7.00 13.78
N PHE B 336 -21.03 7.56 12.70
CA PHE B 336 -21.36 7.07 11.36
C PHE B 336 -20.69 5.73 11.16
N MET B 337 -21.38 4.82 10.47
CA MET B 337 -20.81 3.52 10.16
C MET B 337 -20.37 3.40 8.71
N THR B 338 -19.08 3.11 8.52
CA THR B 338 -18.51 2.96 7.19
C THR B 338 -17.61 1.72 7.17
N PRO B 339 -17.28 1.21 5.96
CA PRO B 339 -16.39 0.05 5.84
C PRO B 339 -14.97 0.33 6.36
N SER B 340 -14.56 1.60 6.29
CA SER B 340 -13.23 2.01 6.72
C SER B 340 -13.10 2.19 8.24
N GLY B 341 -14.23 2.40 8.91
CA GLY B 341 -14.27 2.56 10.36
C GLY B 341 -15.40 3.47 10.79
N MET B 342 -15.51 3.71 12.10
CA MET B 342 -16.51 4.64 12.62
C MET B 342 -16.06 6.09 12.52
N GLU B 343 -17.01 7.01 12.46
CA GLU B 343 -16.68 8.42 12.57
C GLU B 343 -17.70 9.10 13.46
N PRO B 344 -17.25 10.01 14.34
CA PRO B 344 -18.21 10.70 15.19
C PRO B 344 -19.19 11.56 14.41
N THR B 345 -20.45 11.55 14.82
CA THR B 345 -21.46 12.40 14.19
C THR B 345 -21.35 13.80 14.77
N PRO B 346 -21.98 14.78 14.12
CA PRO B 346 -22.13 16.09 14.76
C PRO B 346 -22.95 15.95 16.02
N TRP B 347 -22.68 16.80 17.02
CA TRP B 347 -23.38 16.72 18.29
C TRP B 347 -24.87 17.00 18.10
N TYR B 348 -25.68 16.50 19.02
CA TYR B 348 -27.12 16.72 18.96
C TYR B 348 -27.71 16.61 20.35
N ASP B 349 -28.89 17.21 20.55
CA ASP B 349 -29.56 17.18 21.84
C ASP B 349 -28.67 17.75 22.94
N LEU B 350 -28.17 18.96 22.71
CA LEU B 350 -27.40 19.68 23.71
C LEU B 350 -28.30 20.63 24.48
N VAL B 351 -28.49 20.39 25.77
CA VAL B 351 -29.37 21.19 26.60
C VAL B 351 -28.77 21.48 27.97
N SER B 352 -29.02 22.69 28.48
CA SER B 352 -28.54 23.06 29.80
C SER B 352 -29.61 22.71 30.83
N VAL B 353 -29.34 21.70 31.65
CA VAL B 353 -30.30 21.25 32.66
C VAL B 353 -30.11 22.03 33.97
N ASP B 354 -29.01 22.76 34.08
CA ASP B 354 -28.76 23.60 35.24
C ASP B 354 -29.81 24.72 35.33
N MET B 355 -30.45 25.00 34.21
CA MET B 355 -31.53 25.97 34.18
C MET B 355 -32.70 25.51 35.05
N TYR B 356 -32.94 24.20 35.05
CA TYR B 356 -34.09 23.64 35.73
C TYR B 356 -33.70 23.05 37.07
N GLU B 357 -34.12 23.72 38.15
CA GLU B 357 -33.73 23.32 39.49
C GLU B 357 -34.76 22.36 40.10
N ASP B 358 -35.83 22.10 39.35
CA ASP B 358 -36.85 21.13 39.74
C ASP B 358 -36.37 19.73 39.37
N PHE B 359 -35.17 19.66 38.78
CA PHE B 359 -34.54 18.40 38.37
C PHE B 359 -33.20 18.10 39.07
N GLU B 360 -32.93 16.81 39.28
CA GLU B 360 -31.64 16.36 39.81
C GLU B 360 -30.59 16.38 38.72
N GLN B 361 -29.52 17.13 38.98
CA GLN B 361 -28.44 17.31 38.05
C GLN B 361 -27.15 16.69 38.59
N GLN B 362 -26.77 15.56 38.03
CA GLN B 362 -25.46 14.97 38.25
C GLN B 362 -24.94 14.54 36.89
N LEU B 363 -23.64 14.65 36.67
CA LEU B 363 -23.07 14.26 35.39
C LEU B 363 -23.38 12.79 35.11
N ALA B 364 -23.98 12.52 33.94
CA ALA B 364 -24.33 11.15 33.56
C ALA B 364 -23.06 10.35 33.27
N MET B 365 -21.96 11.06 33.04
CA MET B 365 -20.64 10.45 32.95
C MET B 365 -19.68 11.22 33.85
N ALA B 366 -19.14 10.53 34.85
CA ALA B 366 -18.40 11.17 35.92
C ALA B 366 -17.06 11.67 35.45
N ILE B 367 -16.49 12.59 36.22
CA ILE B 367 -15.13 13.05 36.02
C ILE B 367 -14.29 12.61 37.22
N ASP B 368 -13.45 11.61 36.99
CA ASP B 368 -12.64 11.00 38.05
C ASP B 368 -13.50 10.58 39.25
N ASP B 369 -14.53 9.81 38.98
CA ASP B 369 -15.39 9.26 40.04
C ASP B 369 -16.08 10.34 40.86
N GLU B 370 -16.27 11.53 40.27
CA GLU B 370 -17.02 12.59 40.92
C GLU B 370 -18.18 13.00 40.03
N PHE B 371 -19.41 12.71 40.48
CA PHE B 371 -20.59 12.94 39.65
C PHE B 371 -21.22 14.31 39.85
N ASP B 372 -20.79 15.03 40.88
CA ASP B 372 -21.44 16.30 41.20
C ASP B 372 -20.81 17.45 40.42
N PRO B 373 -21.61 18.13 39.57
CA PRO B 373 -21.06 19.20 38.73
C PRO B 373 -20.40 20.34 39.51
N ASN B 374 -20.86 20.57 40.74
CA ASN B 374 -20.37 21.67 41.56
C ASN B 374 -19.12 21.29 42.35
N SER B 375 -18.84 19.99 42.42
CA SER B 375 -17.67 19.48 43.14
C SER B 375 -16.48 19.28 42.20
N ILE B 376 -16.64 19.67 40.93
CA ILE B 376 -15.57 19.53 39.96
C ILE B 376 -14.56 20.65 40.11
N TYR B 377 -13.32 20.28 40.41
CA TYR B 377 -12.23 21.23 40.59
C TYR B 377 -11.02 20.74 39.82
N ALA B 378 -9.89 21.42 40.01
CA ALA B 378 -8.67 21.09 39.29
C ALA B 378 -8.30 19.63 39.41
N TYR B 379 -8.50 19.06 40.59
CA TYR B 379 -8.11 17.67 40.83
C TYR B 379 -8.91 16.70 39.97
N GLN B 380 -10.23 16.85 39.97
CA GLN B 380 -11.09 15.96 39.19
C GLN B 380 -10.70 15.99 37.72
N LEU B 381 -10.40 17.17 37.20
CA LEU B 381 -10.00 17.31 35.80
C LEU B 381 -8.63 16.68 35.55
N ALA B 382 -7.71 16.90 36.49
CA ALA B 382 -6.35 16.40 36.34
C ALA B 382 -6.34 14.87 36.30
N ALA B 383 -6.99 14.26 37.28
CA ALA B 383 -7.05 12.81 37.37
C ALA B 383 -7.90 12.22 36.26
N PHE B 384 -8.82 13.04 35.74
CA PHE B 384 -9.67 12.62 34.63
C PHE B 384 -8.87 12.42 33.34
N MET B 385 -8.15 13.44 32.92
CA MET B 385 -7.31 13.34 31.73
C MET B 385 -6.27 12.25 31.93
N ASP B 386 -5.72 12.20 33.13
CA ASP B 386 -4.77 11.16 33.49
C ASP B 386 -5.43 9.80 33.35
N GLY B 387 -6.72 9.74 33.66
CA GLY B 387 -7.45 8.49 33.53
C GLY B 387 -7.59 8.11 32.08
N LEU B 388 -7.77 9.10 31.22
CA LEU B 388 -7.86 8.88 29.79
C LEU B 388 -6.47 8.72 29.16
N GLY B 389 -5.43 8.93 29.96
CA GLY B 389 -4.07 8.83 29.47
C GLY B 389 -3.76 9.92 28.47
N LEU B 390 -4.33 11.09 28.69
CA LEU B 390 -4.13 12.23 27.81
C LEU B 390 -3.45 13.38 28.58
N PRO B 391 -2.63 14.18 27.87
CA PRO B 391 -1.91 15.25 28.56
C PRO B 391 -2.83 16.33 29.12
N ARG B 392 -2.52 16.80 30.32
CA ARG B 392 -3.36 17.79 30.99
C ARG B 392 -3.35 19.12 30.24
N ASN B 393 -2.21 19.44 29.63
CA ASN B 393 -2.07 20.69 28.90
C ASN B 393 -3.12 20.81 27.80
N LEU B 394 -3.66 19.67 27.39
CA LEU B 394 -4.65 19.63 26.32
C LEU B 394 -6.04 20.05 26.80
N LEU B 395 -6.38 19.66 28.02
CA LEU B 395 -7.64 20.05 28.61
C LEU B 395 -7.65 21.56 28.78
N ILE B 396 -6.55 22.06 29.34
CA ILE B 396 -6.44 23.49 29.64
C ILE B 396 -6.55 24.29 28.36
N SER B 397 -5.93 23.77 27.29
CA SER B 397 -5.98 24.44 25.99
C SER B 397 -7.42 24.52 25.49
N ASN B 398 -8.08 23.37 25.39
CA ASN B 398 -9.45 23.34 24.91
C ASN B 398 -10.41 24.04 25.86
N LEU B 399 -10.24 23.82 27.16
CA LEU B 399 -11.14 24.43 28.14
C LEU B 399 -11.01 25.95 28.12
N THR B 400 -9.77 26.44 28.13
CA THR B 400 -9.53 27.88 28.16
C THR B 400 -10.02 28.54 26.88
N ARG B 401 -9.74 27.94 25.74
CA ARG B 401 -10.12 28.53 24.45
C ARG B 401 -11.64 28.68 24.34
N ILE B 402 -12.37 27.61 24.70
CA ILE B 402 -13.83 27.61 24.56
C ILE B 402 -14.50 28.56 25.56
N ALA B 403 -14.05 28.51 26.82
CA ALA B 403 -14.65 29.30 27.89
C ALA B 403 -14.47 30.81 27.67
N ARG B 404 -13.37 31.18 27.03
CA ARG B 404 -13.09 32.59 26.75
C ARG B 404 -13.88 33.11 25.55
N ARG B 405 -14.11 32.23 24.57
CA ARG B 405 -14.84 32.61 23.37
C ARG B 405 -16.35 32.59 23.59
N ILE B 406 -16.79 32.01 24.70
CA ILE B 406 -18.22 31.90 24.99
C ILE B 406 -18.85 33.27 25.25
N PRO B 407 -18.26 34.08 26.14
CA PRO B 407 -18.83 35.40 26.45
C PRO B 407 -19.20 36.23 25.21
N GLN B 408 -18.34 36.25 24.19
CA GLN B 408 -18.66 36.98 22.95
C GLN B 408 -19.61 36.16 22.08
N ALA B 409 -19.57 34.84 22.23
CA ALA B 409 -20.37 33.93 21.41
C ALA B 409 -21.82 33.83 21.89
N ILE B 410 -22.05 33.96 23.20
CA ILE B 410 -23.40 33.88 23.74
C ILE B 410 -24.24 35.05 23.24
N ALA B 411 -23.61 36.22 23.20
CA ALA B 411 -24.28 37.42 22.71
C ALA B 411 -24.77 37.18 21.29
N GLU B 412 -23.93 36.51 20.50
CA GLU B 412 -24.23 36.22 19.10
C GLU B 412 -25.48 35.37 18.97
N VAL B 413 -25.59 34.35 19.81
CA VAL B 413 -26.71 33.43 19.73
C VAL B 413 -28.01 34.16 20.05
N ILE B 414 -27.94 35.08 21.00
CA ILE B 414 -29.13 35.83 21.42
C ILE B 414 -29.75 36.55 20.23
N LEU B 415 -28.92 36.92 19.26
CA LEU B 415 -29.40 37.64 18.09
C LEU B 415 -30.04 36.67 17.09
N MET B 416 -29.70 35.38 17.21
CA MET B 416 -30.23 34.35 16.34
C MET B 416 -31.61 33.92 16.80
N LEU B 417 -32.07 34.50 17.90
CA LEU B 417 -33.37 34.15 18.44
C LEU B 417 -34.47 34.93 17.72
N PRO B 418 -35.67 34.32 17.61
CA PRO B 418 -36.85 35.02 17.10
C PRO B 418 -37.44 35.99 18.13
N PRO B 419 -38.56 36.64 17.81
CA PRO B 419 -39.20 37.54 18.78
C PRO B 419 -39.41 36.89 20.13
N LEU B 420 -39.10 37.64 21.20
CA LEU B 420 -39.16 37.12 22.56
C LEU B 420 -40.15 37.91 23.42
N ASP B 421 -40.85 37.23 24.31
CA ASP B 421 -41.72 37.92 25.28
C ASP B 421 -40.88 38.30 26.50
N GLU B 422 -41.51 38.92 27.49
CA GLU B 422 -40.78 39.41 28.66
C GLU B 422 -40.26 38.27 29.52
N ASP B 423 -41.10 37.26 29.75
CA ASP B 423 -40.73 36.11 30.57
C ASP B 423 -39.58 35.33 29.94
N GLU B 424 -39.61 35.19 28.61
CA GLU B 424 -38.58 34.46 27.90
C GLU B 424 -37.27 35.23 27.90
N ALA B 425 -37.36 36.55 27.81
CA ALA B 425 -36.17 37.39 27.88
C ALA B 425 -35.52 37.26 29.26
N SER B 426 -36.33 37.07 30.28
CA SER B 426 -35.84 36.87 31.64
C SER B 426 -35.14 35.52 31.76
N PHE B 427 -35.64 34.53 31.03
CA PHE B 427 -35.03 33.20 31.02
C PHE B 427 -33.61 33.23 30.45
N VAL B 428 -33.45 33.88 29.29
CA VAL B 428 -32.15 33.99 28.65
C VAL B 428 -31.19 34.82 29.51
N ALA B 429 -31.74 35.78 30.24
CA ALA B 429 -30.94 36.59 31.16
C ALA B 429 -30.34 35.72 32.26
N HIS B 430 -31.18 34.86 32.84
CA HIS B 430 -30.71 33.89 33.83
C HIS B 430 -29.75 32.93 33.14
N TYR B 431 -30.15 32.46 31.96
CA TYR B 431 -29.32 31.57 31.14
C TYR B 431 -27.95 32.17 30.92
N LYS B 432 -27.93 33.41 30.44
CA LYS B 432 -26.69 34.13 30.19
C LYS B 432 -25.84 34.18 31.45
N THR B 433 -26.43 34.67 32.53
CA THR B 433 -25.72 34.94 33.77
C THR B 433 -24.97 33.71 34.30
N GLN B 434 -25.69 32.60 34.46
CA GLN B 434 -25.09 31.41 35.04
C GLN B 434 -24.18 30.69 34.04
N LEU B 435 -24.37 30.93 32.74
CA LEU B 435 -23.44 30.44 31.74
C LEU B 435 -22.06 31.01 31.97
N LEU B 436 -22.02 32.32 32.08
CA LEU B 436 -20.79 33.04 32.36
C LEU B 436 -20.24 32.60 33.72
N ALA B 437 -21.13 32.23 34.63
CA ALA B 437 -20.73 31.79 35.96
C ALA B 437 -19.96 30.47 35.91
N ARG B 438 -20.37 29.57 35.02
CA ARG B 438 -19.67 28.29 34.85
C ARG B 438 -18.30 28.54 34.25
N CYS B 439 -18.26 29.41 33.25
CA CYS B 439 -17.01 29.79 32.60
C CYS B 439 -16.02 30.40 33.60
N GLU B 440 -16.45 31.44 34.30
CA GLU B 440 -15.57 32.11 35.24
C GLU B 440 -15.17 31.18 36.37
N ARG B 441 -16.05 30.26 36.76
CA ARG B 441 -15.74 29.33 37.85
C ARG B 441 -14.62 28.38 37.42
N TYR B 442 -14.79 27.78 36.25
CA TYR B 442 -13.76 26.90 35.70
C TYR B 442 -12.49 27.66 35.37
N LEU B 443 -12.66 28.84 34.78
CA LEU B 443 -11.53 29.66 34.35
C LEU B 443 -10.65 30.11 35.52
N GLY B 444 -11.22 30.09 36.73
CA GLY B 444 -10.47 30.51 37.90
C GLY B 444 -9.36 29.56 38.31
N PHE B 445 -9.72 28.29 38.50
CA PHE B 445 -8.81 27.26 39.00
C PHE B 445 -8.15 26.40 37.91
N VAL B 446 -8.43 26.71 36.64
CA VAL B 446 -7.94 25.89 35.53
C VAL B 446 -6.42 25.83 35.51
N ASP B 447 -5.79 26.92 35.95
CA ASP B 447 -4.33 27.03 35.94
C ASP B 447 -3.70 26.06 36.94
N GLU B 448 -4.49 25.60 37.91
CA GLU B 448 -4.01 24.70 38.95
C GLU B 448 -3.94 23.24 38.47
N VAL B 449 -4.66 22.92 37.41
CA VAL B 449 -4.73 21.54 36.90
C VAL B 449 -3.36 20.98 36.56
N ARG B 450 -2.49 21.82 36.03
CA ARG B 450 -1.17 21.40 35.57
C ARG B 450 -0.31 20.89 36.72
N ASP B 451 -0.37 21.58 37.85
CA ASP B 451 0.54 21.34 38.97
C ASP B 451 -0.02 20.41 40.06
N VAL B 452 -1.26 19.95 39.89
CA VAL B 452 -1.88 19.08 40.90
C VAL B 452 -1.26 17.70 40.90
N GLU B 453 -0.83 17.24 42.07
CA GLU B 453 -0.24 15.92 42.23
C GLU B 453 -1.28 14.97 42.80
N VAL B 454 -1.71 14.03 41.97
CA VAL B 454 -2.73 13.07 42.34
C VAL B 454 -2.12 11.97 43.22
N ILE C 40 5.27 -14.55 6.28
CA ILE C 40 4.71 -14.53 4.93
C ILE C 40 3.43 -13.70 4.83
N MET C 41 2.85 -13.35 5.98
CA MET C 41 1.64 -12.52 6.00
C MET C 41 1.69 -11.33 6.96
N ALA C 42 1.75 -10.12 6.39
CA ALA C 42 1.53 -8.89 7.15
C ALA C 42 0.55 -8.03 6.34
N SER C 43 -0.68 -7.89 6.82
CA SER C 43 -1.63 -6.99 6.15
C SER C 43 -1.30 -5.49 6.34
N PRO C 44 -1.45 -4.93 7.57
CA PRO C 44 -0.80 -3.65 7.88
C PRO C 44 0.66 -3.81 8.35
N LEU C 45 1.50 -2.81 8.10
CA LEU C 45 2.89 -2.85 8.58
C LEU C 45 3.03 -2.05 9.87
N ASN C 46 3.72 -2.63 10.84
CA ASN C 46 4.13 -1.94 12.06
C ASN C 46 5.64 -1.97 12.17
N GLN C 47 6.18 -1.45 13.26
CA GLN C 47 7.62 -1.30 13.39
C GLN C 47 8.36 -2.64 13.34
N GLN C 48 7.77 -3.66 13.95
CA GLN C 48 8.40 -4.98 14.01
C GLN C 48 8.29 -5.74 12.71
N SER C 49 7.10 -5.76 12.13
CA SER C 49 6.84 -6.51 10.89
C SER C 49 7.64 -5.92 9.75
N LEU C 50 7.80 -4.60 9.77
CA LEU C 50 8.60 -3.91 8.78
C LEU C 50 10.03 -4.44 8.81
N GLY C 51 10.59 -4.50 10.01
CA GLY C 51 11.92 -5.03 10.19
C GLY C 51 11.98 -6.47 9.70
N LEU C 52 10.94 -7.23 9.99
CA LEU C 52 10.87 -8.61 9.56
C LEU C 52 10.68 -8.69 8.04
N LEU C 53 10.04 -7.68 7.48
CA LEU C 53 9.84 -7.62 6.04
C LEU C 53 11.18 -7.43 5.33
N ILE C 54 11.99 -6.53 5.87
CA ILE C 54 13.33 -6.26 5.34
C ILE C 54 14.22 -7.50 5.44
N LYS C 55 14.18 -8.18 6.57
CA LYS C 55 14.98 -9.37 6.78
C LYS C 55 14.63 -10.49 5.81
N GLU C 56 13.35 -10.65 5.51
CA GLU C 56 12.91 -11.73 4.62
C GLU C 56 13.28 -11.49 3.16
N ARG C 57 13.11 -10.27 2.66
CA ARG C 57 13.49 -9.96 1.28
C ARG C 57 15.00 -10.07 1.13
N ARG C 58 15.72 -9.71 2.18
CA ARG C 58 17.17 -9.85 2.22
C ARG C 58 17.54 -11.31 2.10
N LYS C 59 16.84 -12.15 2.83
CA LYS C 59 17.03 -13.59 2.78
C LYS C 59 16.53 -14.15 1.44
N SER C 60 15.46 -13.55 0.92
CA SER C 60 14.86 -13.97 -0.35
C SER C 60 15.84 -13.81 -1.51
N ALA C 61 16.71 -12.81 -1.39
CA ALA C 61 17.74 -12.57 -2.39
C ALA C 61 19.01 -13.33 -2.05
N ALA C 62 18.93 -14.14 -0.99
CA ALA C 62 20.08 -14.91 -0.52
C ALA C 62 21.23 -13.93 -0.28
N LEU C 63 20.95 -12.92 0.54
CA LEU C 63 21.91 -11.85 0.78
C LEU C 63 22.20 -11.77 2.28
N THR C 64 23.47 -11.75 2.64
CA THR C 64 23.88 -11.63 4.04
C THR C 64 23.70 -10.23 4.61
N GLN C 65 23.67 -10.13 5.93
CA GLN C 65 23.42 -8.86 6.62
C GLN C 65 24.55 -7.86 6.41
N ASP C 66 25.76 -8.36 6.21
CA ASP C 66 26.91 -7.49 6.06
C ASP C 66 26.89 -6.74 4.73
N VAL C 67 26.58 -7.45 3.66
CA VAL C 67 26.52 -6.86 2.31
C VAL C 67 25.31 -5.94 2.14
N ALA C 68 24.17 -6.33 2.72
CA ALA C 68 22.96 -5.52 2.65
C ALA C 68 23.17 -4.17 3.32
N ALA C 69 23.90 -4.18 4.44
CA ALA C 69 24.17 -2.95 5.18
C ALA C 69 25.06 -2.02 4.38
N MET C 70 26.12 -2.57 3.79
CA MET C 70 27.09 -1.78 3.05
C MET C 70 26.50 -1.17 1.78
N LEU C 71 25.72 -1.97 1.05
CA LEU C 71 25.14 -1.52 -0.21
C LEU C 71 24.09 -0.45 0.01
N CYS C 72 23.39 -0.53 1.16
CA CYS C 72 22.40 0.47 1.53
C CYS C 72 23.02 1.66 2.28
N GLY C 73 24.32 1.59 2.53
CA GLY C 73 25.05 2.70 3.11
C GLY C 73 24.86 2.85 4.61
N VAL C 74 24.79 1.71 5.30
CA VAL C 74 24.63 1.69 6.74
C VAL C 74 25.52 0.60 7.36
N THR C 75 25.68 0.65 8.68
CA THR C 75 26.44 -0.36 9.41
C THR C 75 25.62 -1.64 9.58
N LYS C 76 26.30 -2.76 9.79
CA LYS C 76 25.64 -4.04 10.03
C LYS C 76 24.78 -3.97 11.28
N LYS C 77 25.32 -3.34 12.32
CA LYS C 77 24.62 -3.19 13.60
C LYS C 77 23.27 -2.50 13.42
N THR C 78 23.24 -1.47 12.60
CA THR C 78 22.01 -0.72 12.37
C THR C 78 20.99 -1.57 11.63
N LEU C 79 21.44 -2.34 10.64
CA LEU C 79 20.52 -3.19 9.90
C LEU C 79 19.93 -4.25 10.82
N ILE C 80 20.73 -4.71 11.79
CA ILE C 80 20.23 -5.63 12.80
C ILE C 80 19.11 -4.93 13.59
N ARG C 81 19.37 -3.69 13.98
CA ARG C 81 18.38 -2.89 14.71
C ARG C 81 17.11 -2.68 13.88
N VAL C 82 17.28 -2.43 12.59
CA VAL C 82 16.16 -2.23 11.69
C VAL C 82 15.30 -3.48 11.60
N GLU C 83 15.94 -4.62 11.42
CA GLU C 83 15.22 -5.87 11.24
C GLU C 83 14.46 -6.28 12.49
N LYS C 84 15.01 -5.95 13.66
CA LYS C 84 14.39 -6.30 14.95
C LYS C 84 13.31 -5.29 15.34
N GLY C 85 13.17 -4.23 14.56
CA GLY C 85 12.16 -3.22 14.78
C GLY C 85 12.50 -2.22 15.87
N GLU C 86 13.72 -2.28 16.38
CA GLU C 86 14.14 -1.30 17.38
C GLU C 86 14.18 0.06 16.69
N ASP C 87 13.90 1.13 17.44
CA ASP C 87 13.76 2.45 16.84
C ASP C 87 15.04 2.89 16.13
N VAL C 88 14.86 3.41 14.93
CA VAL C 88 15.94 3.91 14.08
C VAL C 88 15.49 5.20 13.41
N TYR C 89 16.42 5.92 12.78
CA TYR C 89 16.06 7.13 12.03
C TYR C 89 15.27 6.76 10.77
N ILE C 90 14.23 7.54 10.48
CA ILE C 90 13.37 7.27 9.34
C ILE C 90 14.17 7.24 8.04
N SER C 91 15.20 8.07 7.98
CA SER C 91 16.06 8.12 6.80
C SER C 91 16.75 6.77 6.61
N THR C 92 17.17 6.17 7.72
CA THR C 92 17.82 4.86 7.71
C THR C 92 16.91 3.77 7.14
N VAL C 93 15.65 3.80 7.57
CA VAL C 93 14.66 2.86 7.06
C VAL C 93 14.50 3.06 5.56
N PHE C 94 14.52 4.32 5.14
CA PHE C 94 14.36 4.65 3.74
C PHE C 94 15.59 4.29 2.92
N LYS C 95 16.78 4.36 3.51
CA LYS C 95 18.00 3.94 2.83
C LYS C 95 17.89 2.51 2.39
N ILE C 96 17.45 1.67 3.31
CA ILE C 96 17.30 0.25 3.05
C ILE C 96 16.12 0.03 2.11
N LEU C 97 15.07 0.82 2.31
CA LEU C 97 13.84 0.68 1.54
C LEU C 97 14.07 0.89 0.04
N ASP C 98 14.59 2.05 -0.33
CA ASP C 98 14.85 2.35 -1.73
C ASP C 98 15.88 1.39 -2.30
N GLY C 99 16.86 1.04 -1.45
CA GLY C 99 17.95 0.17 -1.84
C GLY C 99 17.49 -1.22 -2.22
N LEU C 100 16.57 -1.78 -1.44
CA LEU C 100 16.09 -3.15 -1.68
C LEU C 100 14.91 -3.19 -2.65
N GLY C 101 14.50 -2.02 -3.14
CA GLY C 101 13.44 -1.92 -4.12
C GLY C 101 12.08 -2.38 -3.60
N ILE C 102 11.77 -2.02 -2.37
CA ILE C 102 10.45 -2.30 -1.78
C ILE C 102 9.67 -1.02 -1.58
N ASP C 103 8.47 -0.98 -2.13
CA ASP C 103 7.67 0.23 -2.10
C ASP C 103 6.52 0.07 -1.11
N ILE C 104 6.27 1.12 -0.33
CA ILE C 104 5.16 1.13 0.63
C ILE C 104 4.23 2.29 0.32
N VAL C 105 2.93 2.04 0.42
CA VAL C 105 1.92 3.01 0.06
C VAL C 105 0.78 3.04 1.08
N SER C 106 0.07 4.16 1.15
CA SER C 106 -1.11 4.27 2.00
C SER C 106 -2.30 3.56 1.34
N ALA C 107 -3.47 3.72 1.95
CA ALA C 107 -4.69 3.11 1.40
C ALA C 107 -5.73 4.17 1.04
N GLN C 108 -6.22 4.08 -0.19
CA GLN C 108 -7.25 4.95 -0.73
C GLN C 108 -8.21 4.00 -1.48
N THR C 109 -9.53 4.20 -1.53
CA THR C 109 -10.33 5.41 -1.25
C THR C 109 -9.76 6.60 -2.07
N SER C 110 -9.93 7.88 -1.71
CA SER C 110 -11.24 8.50 -1.40
C SER C 110 -12.06 8.02 -0.22
N ASP C 111 -11.65 8.42 0.99
CA ASP C 111 -12.27 7.96 2.24
C ASP C 111 -13.79 8.05 2.24
N THR C 112 -14.42 7.07 2.87
CA THR C 112 -15.86 6.81 2.73
C THR C 112 -16.17 6.36 1.31
N GLU C 113 -15.13 5.85 0.63
CA GLU C 113 -15.26 5.24 -0.70
C GLU C 113 -16.11 6.09 -1.65
N THR C 114 -15.90 7.40 -1.61
CA THR C 114 -16.71 8.34 -2.38
C THR C 114 -18.19 8.09 -2.06
N ASN C 115 -18.49 7.99 -0.77
CA ASN C 115 -19.86 7.74 -0.31
C ASN C 115 -20.13 8.41 1.05
N GLY C 116 -21.26 8.05 1.65
CA GLY C 116 -21.88 8.83 2.72
C GLY C 116 -23.03 9.54 2.04
N TRP C 117 -24.14 9.71 2.76
CA TRP C 117 -25.39 10.15 2.15
C TRP C 117 -25.92 11.39 2.87
N ILE E 40 -5.68 12.89 -4.22
CA ILE E 40 -5.00 13.48 -5.36
C ILE E 40 -3.48 13.32 -5.20
N MET E 41 -2.81 13.22 -6.35
CA MET E 41 -1.35 13.13 -6.46
C MET E 41 -0.80 11.76 -6.05
N ALA E 42 -1.63 10.99 -5.33
CA ALA E 42 -1.32 9.63 -4.89
C ALA E 42 0.07 9.63 -4.25
N SER E 43 0.80 8.51 -4.37
CA SER E 43 2.21 8.46 -4.00
C SER E 43 2.78 7.04 -3.92
N PRO E 44 4.01 6.82 -4.43
CA PRO E 44 4.83 5.83 -3.73
C PRO E 44 5.39 6.62 -2.56
N LEU E 45 5.62 6.03 -1.39
CA LEU E 45 5.94 6.89 -0.25
C LEU E 45 7.43 7.08 -0.01
N ASN E 46 7.81 8.35 0.15
CA ASN E 46 9.15 8.73 0.60
C ASN E 46 9.03 9.58 1.86
N GLN E 47 10.17 10.06 2.35
CA GLN E 47 10.21 10.78 3.62
C GLN E 47 9.43 12.09 3.61
N GLN E 48 9.50 12.82 2.50
CA GLN E 48 8.85 14.13 2.41
C GLN E 48 7.35 14.02 2.16
N SER E 49 6.94 13.14 1.24
CA SER E 49 5.51 12.98 0.92
C SER E 49 4.78 12.41 2.13
N LEU E 50 5.46 11.54 2.86
CA LEU E 50 4.91 10.98 4.09
C LEU E 50 4.62 12.11 5.08
N GLY E 51 5.59 13.00 5.25
CA GLY E 51 5.42 14.20 6.05
C GLY E 51 4.28 15.07 5.52
N LEU E 52 4.22 15.18 4.20
CA LEU E 52 3.15 15.94 3.56
C LEU E 52 1.80 15.21 3.70
N LEU E 53 1.85 13.89 3.76
CA LEU E 53 0.65 13.08 3.91
C LEU E 53 0.02 13.31 5.29
N ILE E 54 0.87 13.34 6.31
CA ILE E 54 0.46 13.60 7.68
C ILE E 54 -0.17 14.98 7.81
N LYS E 55 0.43 15.96 7.16
CA LYS E 55 -0.10 17.32 7.18
C LYS E 55 -1.49 17.34 6.56
N GLU E 56 -1.69 16.54 5.51
CA GLU E 56 -2.97 16.51 4.81
C GLU E 56 -4.05 15.83 5.66
N ARG E 57 -3.72 14.71 6.29
CA ARG E 57 -4.66 14.01 7.16
C ARG E 57 -5.01 14.85 8.39
N ARG E 58 -4.02 15.57 8.90
CA ARG E 58 -4.19 16.49 10.01
C ARG E 58 -5.09 17.66 9.64
N LYS E 59 -4.85 18.25 8.48
CA LYS E 59 -5.66 19.36 7.98
C LYS E 59 -7.04 18.86 7.56
N SER E 60 -7.10 17.64 7.02
CA SER E 60 -8.36 17.03 6.62
C SER E 60 -9.29 16.86 7.83
N ALA E 61 -8.68 16.68 9.00
CA ALA E 61 -9.42 16.51 10.25
C ALA E 61 -9.61 17.84 11.00
N ALA E 62 -9.18 18.94 10.40
CA ALA E 62 -9.27 20.26 11.03
C ALA E 62 -8.56 20.31 12.39
N LEU E 63 -7.28 19.94 12.39
CA LEU E 63 -6.49 19.87 13.62
C LEU E 63 -5.24 20.75 13.58
N THR E 64 -5.04 21.55 14.62
CA THR E 64 -3.84 22.37 14.72
C THR E 64 -2.66 21.45 15.09
N GLN E 65 -1.44 21.91 14.85
CA GLN E 65 -0.26 21.08 15.11
C GLN E 65 -0.07 20.83 16.60
N ASP E 66 -0.50 21.74 17.46
CA ASP E 66 -0.27 21.61 18.89
C ASP E 66 -1.16 20.52 19.51
N VAL E 67 -2.44 20.51 19.16
CA VAL E 67 -3.34 19.50 19.67
C VAL E 67 -3.03 18.16 19.01
N ALA E 68 -2.71 18.19 17.72
CA ALA E 68 -2.37 16.99 16.97
C ALA E 68 -1.14 16.31 17.55
N ALA E 69 -0.18 17.13 17.99
CA ALA E 69 1.05 16.63 18.58
C ALA E 69 0.80 15.93 19.91
N MET E 70 -0.05 16.52 20.75
CA MET E 70 -0.31 16.00 22.08
C MET E 70 -1.00 14.63 22.07
N LEU E 71 -1.97 14.44 21.16
CA LEU E 71 -2.67 13.16 21.07
C LEU E 71 -1.77 12.05 20.53
N CYS E 72 -0.84 12.41 19.66
CA CYS E 72 0.09 11.44 19.11
C CYS E 72 1.30 11.22 20.04
N GLY E 73 1.35 11.99 21.12
CA GLY E 73 2.37 11.81 22.15
C GLY E 73 3.72 12.38 21.79
N VAL E 74 3.72 13.53 21.09
CA VAL E 74 4.94 14.20 20.69
C VAL E 74 4.83 15.72 20.88
N THR E 75 5.96 16.41 20.82
CA THR E 75 5.97 17.87 20.90
C THR E 75 5.53 18.43 19.56
N LYS E 76 5.02 19.65 19.55
CA LYS E 76 4.60 20.30 18.31
C LYS E 76 5.77 20.42 17.35
N LYS E 77 6.94 20.82 17.86
CA LYS E 77 8.13 20.98 17.03
C LYS E 77 8.49 19.68 16.32
N THR E 78 8.37 18.57 17.03
CA THR E 78 8.68 17.27 16.45
C THR E 78 7.69 16.94 15.33
N LEU E 79 6.42 17.28 15.55
CA LEU E 79 5.39 17.04 14.54
C LEU E 79 5.64 17.88 13.30
N ILE E 80 6.14 19.10 13.50
CA ILE E 80 6.53 19.94 12.38
C ILE E 80 7.69 19.28 11.62
N ARG E 81 8.67 18.75 12.34
CA ARG E 81 9.81 18.07 11.72
C ARG E 81 9.35 16.88 10.88
N VAL E 82 8.38 16.14 11.40
CA VAL E 82 7.81 15.00 10.68
C VAL E 82 7.14 15.48 9.40
N GLU E 83 6.32 16.52 9.51
CA GLU E 83 5.57 17.02 8.35
C GLU E 83 6.51 17.60 7.31
N LYS E 84 7.62 18.18 7.75
CA LYS E 84 8.59 18.81 6.86
C LYS E 84 9.51 17.75 6.26
N GLY E 85 9.36 16.51 6.73
CA GLY E 85 10.15 15.40 6.22
C GLY E 85 11.55 15.39 6.79
N GLU E 86 11.79 16.27 7.77
CA GLU E 86 13.08 16.29 8.45
C GLU E 86 13.25 14.98 9.22
N ASP E 87 14.48 14.53 9.36
CA ASP E 87 14.75 13.21 9.93
C ASP E 87 14.23 13.12 11.35
N VAL E 88 13.51 12.04 11.62
CA VAL E 88 12.96 11.76 12.95
C VAL E 88 13.08 10.26 13.23
N TYR E 89 12.89 9.86 14.49
CA TYR E 89 12.87 8.44 14.85
C TYR E 89 11.65 7.76 14.23
N ILE E 90 11.83 6.52 13.76
CA ILE E 90 10.74 5.78 13.13
C ILE E 90 9.58 5.64 14.10
N SER E 91 9.91 5.54 15.38
CA SER E 91 8.91 5.43 16.42
C SER E 91 8.00 6.66 16.45
N THR E 92 8.60 7.84 16.25
CA THR E 92 7.84 9.10 16.24
C THR E 92 6.80 9.10 15.14
N VAL E 93 7.20 8.66 13.95
CA VAL E 93 6.30 8.57 12.81
C VAL E 93 5.17 7.58 13.08
N PHE E 94 5.49 6.46 13.71
CA PHE E 94 4.50 5.42 13.98
C PHE E 94 3.46 5.86 15.01
N LYS E 95 3.87 6.69 15.96
CA LYS E 95 2.95 7.27 16.91
C LYS E 95 1.88 8.08 16.19
N ILE E 96 2.31 8.90 15.23
CA ILE E 96 1.40 9.72 14.44
C ILE E 96 0.57 8.89 13.46
N LEU E 97 1.19 7.86 12.89
CA LEU E 97 0.52 6.96 11.95
C LEU E 97 -0.63 6.24 12.63
N ASP E 98 -0.32 5.61 13.75
CA ASP E 98 -1.31 4.91 14.55
C ASP E 98 -2.36 5.89 15.05
N GLY E 99 -1.93 7.09 15.42
CA GLY E 99 -2.82 8.09 15.95
C GLY E 99 -3.88 8.57 14.97
N LEU E 100 -3.47 8.87 13.74
CA LEU E 100 -4.38 9.43 12.75
C LEU E 100 -5.11 8.37 11.96
N GLY E 101 -4.86 7.10 12.30
CA GLY E 101 -5.54 5.99 11.66
C GLY E 101 -5.19 5.87 10.18
N ILE E 102 -3.92 6.06 9.86
CA ILE E 102 -3.41 5.89 8.50
C ILE E 102 -2.50 4.66 8.41
N ASP E 103 -2.86 3.77 7.50
CA ASP E 103 -2.22 2.48 7.35
C ASP E 103 -1.40 2.39 6.06
N ILE E 104 -0.22 1.76 6.15
CA ILE E 104 0.66 1.56 5.01
C ILE E 104 0.97 0.08 4.76
N VAL E 105 1.06 -0.30 3.49
CA VAL E 105 1.26 -1.70 3.12
C VAL E 105 2.33 -1.83 2.02
N SER E 106 2.98 -2.99 1.98
CA SER E 106 3.96 -3.28 0.93
C SER E 106 3.28 -3.64 -0.38
N ALA E 107 3.64 -2.94 -1.46
CA ALA E 107 3.04 -3.18 -2.77
C ALA E 107 3.67 -4.40 -3.46
#